data_6BS3
#
_entry.id   6BS3
#
_cell.length_a   121.340
_cell.length_b   121.340
_cell.length_c   120.973
_cell.angle_alpha   90.00
_cell.angle_beta   90.00
_cell.angle_gamma   120.00
#
_symmetry.space_group_name_H-M   'P 32 2 1'
#
loop_
_entity.id
_entity.type
_entity.pdbx_description
1 polymer 'Putative ATPase Rv3679'
2 polymer 'Anion transporter'
3 non-polymer "ADENOSINE-5'-DIPHOSPHATE"
4 non-polymer 'MAGNESIUM ION'
5 non-polymer IMIDAZOLE
6 non-polymer 'CALCIUM ION'
7 water water
#
loop_
_entity_poly.entity_id
_entity_poly.type
_entity_poly.pdbx_seq_one_letter_code
_entity_poly.pdbx_strand_id
1 'polypeptide(L)'
;MVATTSSGGSSVGWPSRLSGVRLHLVTGKGGTGKSTIAAALALTLAAGGRKVLLVEVEGRQGIAQLFDVPPLPYQELKIA
TAERGGQVNALAIDIEAAFLEYLDMFYNLGIAGRAMRRIGAVEFATTIAPGLRDVLLTGKIKETVVRLDKNKLPVYDAIV
VDAPPTGRIARFLDVTKAVSDLAKGGPVHAQSEGVVKLLHSNQTAIHLVTLLEALPVQETLEAIEELAQMELPIGSVIVN
RNIPAHLEPQDLAKAAEGEVDADSVRAGLLTAGVKLPDADFAGLLTETIQHATRITARAEIAQQLDALQVPRLELPTVSD
GVDLGSLYELSESLAQQGVR
;
A
2 'polypeptide(L)'
;MSVTPKTLDMGAILADTSNRVVVCCGAGGVGKTTTAAALALRAAEYGRTVVVLTIDPAKRLAQALGINDLGNTPQRVPLA
PEVPGELHAMMLDMRRTFDEMVMQYSGPERAQSILDNQFYQTVATSLAGTQEYMAMEKLGQLLSQDRWDLIVVDTPPSRN
ALDFLDAPKRLGSFMDSRLWRLLLAPGRGIGRLITGVMGLAMKALSTVLGSQMLADAAAFVQSLDATFGGFREKADRTYA
LLKRRGTQFVVVSAAEPDALREASFFVDRLSQESMPLAGLVFNRTHPMLCALPIERAIDAAETLDAETTDSDATSLAAAV
LRIHAERGQTAKREIRLLSRFTGANPTVPVVGVPSLPFDVSDLEALRALADQLTTVGNDAGRAAGRLEHHHHHH
;
B
#
loop_
_chem_comp.id
_chem_comp.type
_chem_comp.name
_chem_comp.formula
ADP non-polymer ADENOSINE-5'-DIPHOSPHATE 'C10 H15 N5 O10 P2'
CA non-polymer 'CALCIUM ION' 'Ca 2'
IMD non-polymer IMIDAZOLE 'C3 H5 N2 1'
MG non-polymer 'MAGNESIUM ION' 'Mg 2'
#
# COMPACT_ATOMS: atom_id res chain seq x y z
N SER A 11 -10.90 23.88 14.96
CA SER A 11 -11.34 24.06 13.58
C SER A 11 -10.19 24.30 12.60
N VAL A 12 -9.15 25.09 12.98
CA VAL A 12 -7.97 25.32 12.10
C VAL A 12 -7.23 23.99 11.82
N GLY A 13 -6.68 23.87 10.61
CA GLY A 13 -5.94 22.68 10.20
C GLY A 13 -4.47 22.74 10.57
N TRP A 14 -3.99 23.92 10.95
CA TRP A 14 -2.61 24.15 11.32
C TRP A 14 -2.51 25.14 12.47
N PRO A 15 -2.63 24.68 13.74
CA PRO A 15 -2.43 25.61 14.88
C PRO A 15 -1.01 26.20 14.84
N SER A 16 -0.85 27.42 15.39
CA SER A 16 0.43 28.16 15.43
C SER A 16 1.64 27.39 15.94
N ARG A 17 1.45 26.54 16.97
CA ARG A 17 2.46 25.69 17.59
C ARG A 17 3.23 24.83 16.56
N LEU A 18 2.54 24.39 15.51
CA LEU A 18 3.07 23.61 14.40
C LEU A 18 4.07 24.39 13.53
N SER A 19 4.11 25.72 13.65
CA SER A 19 5.05 26.59 12.93
C SER A 19 6.41 26.60 13.63
N GLY A 20 6.42 26.24 14.92
CA GLY A 20 7.64 26.15 15.72
C GLY A 20 8.33 24.80 15.60
N VAL A 21 7.61 23.79 15.05
CA VAL A 21 8.10 22.41 14.83
C VAL A 21 9.25 22.43 13.79
N ARG A 22 10.36 21.74 14.12
CA ARG A 22 11.56 21.59 13.27
C ARG A 22 11.55 20.23 12.58
N LEU A 23 10.90 19.22 13.18
CA LEU A 23 10.85 17.86 12.62
C LEU A 23 9.43 17.42 12.33
N HIS A 24 9.10 17.28 11.04
CA HIS A 24 7.76 16.85 10.60
C HIS A 24 7.82 15.43 10.08
N LEU A 25 7.05 14.53 10.69
CA LEU A 25 7.03 13.14 10.24
C LEU A 25 5.70 12.90 9.54
N VAL A 26 5.75 12.46 8.28
CA VAL A 26 4.57 12.23 7.45
C VAL A 26 4.32 10.73 7.29
N THR A 27 3.31 10.25 8.02
CA THR A 27 2.91 8.85 7.97
C THR A 27 1.53 8.72 7.29
N GLY A 28 1.03 7.49 7.25
CA GLY A 28 -0.23 7.15 6.60
C GLY A 28 -0.14 5.77 5.97
N LYS A 29 -1.28 5.15 5.66
CA LYS A 29 -1.30 3.83 5.03
C LYS A 29 -0.63 3.91 3.62
N GLY A 30 -0.08 2.79 3.12
CA GLY A 30 0.51 2.75 1.79
C GLY A 30 -0.52 3.19 0.75
N GLY A 31 -0.06 3.99 -0.23
CA GLY A 31 -0.89 4.52 -1.31
C GLY A 31 -1.79 5.69 -0.95
N THR A 32 -1.68 6.26 0.26
CA THR A 32 -2.54 7.41 0.64
C THR A 32 -1.96 8.76 0.20
N GLY A 33 -0.65 8.83 -0.04
CA GLY A 33 -0.01 10.05 -0.49
C GLY A 33 1.09 10.63 0.36
N LYS A 34 1.72 9.83 1.25
CA LYS A 34 2.82 10.27 2.14
C LYS A 34 3.94 10.98 1.37
N SER A 35 4.48 10.34 0.32
CA SER A 35 5.57 10.89 -0.49
C SER A 35 5.22 12.19 -1.17
N THR A 36 4.06 12.24 -1.84
CA THR A 36 3.53 13.43 -2.53
C THR A 36 3.34 14.60 -1.55
N ILE A 37 2.65 14.34 -0.42
CA ILE A 37 2.29 15.33 0.61
C ILE A 37 3.53 15.79 1.42
N ALA A 38 4.53 14.90 1.64
CA ALA A 38 5.74 15.25 2.37
C ALA A 38 6.53 16.24 1.47
N ALA A 39 6.60 15.99 0.16
CA ALA A 39 7.23 16.91 -0.80
C ALA A 39 6.45 18.26 -0.89
N ALA A 40 5.11 18.22 -0.92
CA ALA A 40 4.28 19.44 -0.96
C ALA A 40 4.42 20.24 0.35
N LEU A 41 4.53 19.53 1.51
CA LEU A 41 4.73 20.15 2.81
C LEU A 41 6.10 20.84 2.87
N ALA A 42 7.15 20.16 2.36
CA ALA A 42 8.53 20.69 2.29
C ALA A 42 8.56 21.97 1.49
N LEU A 43 7.85 22.01 0.32
CA LEU A 43 7.73 23.19 -0.55
C LEU A 43 7.05 24.33 0.20
N THR A 44 6.00 24.01 0.97
CA THR A 44 5.23 25.00 1.74
C THR A 44 6.10 25.66 2.83
N LEU A 45 6.87 24.85 3.56
CA LEU A 45 7.71 25.32 4.65
C LEU A 45 8.96 26.05 4.18
N ALA A 46 9.42 25.78 2.94
CA ALA A 46 10.60 26.44 2.36
C ALA A 46 10.30 27.82 1.79
N ALA A 47 9.04 28.10 1.42
CA ALA A 47 8.64 29.41 0.87
C ALA A 47 9.10 30.60 1.73
N GLY A 48 9.60 31.64 1.08
CA GLY A 48 10.10 32.85 1.72
C GLY A 48 11.55 32.77 2.15
N GLY A 49 12.42 32.30 1.25
CA GLY A 49 13.87 32.20 1.48
C GLY A 49 14.28 31.26 2.60
N ARG A 50 13.50 30.20 2.86
CA ARG A 50 13.80 29.21 3.90
C ARG A 50 14.46 27.96 3.29
N LYS A 51 15.13 27.16 4.09
CA LYS A 51 15.81 25.95 3.62
C LYS A 51 15.24 24.75 4.34
N VAL A 52 14.58 23.84 3.59
CA VAL A 52 13.94 22.65 4.15
C VAL A 52 14.57 21.35 3.59
N LEU A 53 14.78 20.35 4.47
CA LEU A 53 15.29 19.05 4.05
C LEU A 53 14.15 18.02 3.98
N LEU A 54 14.01 17.37 2.81
CA LEU A 54 13.03 16.31 2.56
C LEU A 54 13.78 14.94 2.67
N VAL A 55 13.41 14.14 3.66
CA VAL A 55 14.08 12.85 4.00
C VAL A 55 13.22 11.61 3.72
N GLU A 56 13.80 10.59 3.08
CA GLU A 56 13.11 9.29 2.92
C GLU A 56 14.00 8.21 3.59
N VAL A 57 13.38 7.20 4.24
CA VAL A 57 14.13 6.25 5.08
C VAL A 57 14.04 4.75 4.68
N GLU A 58 13.32 4.38 3.60
CA GLU A 58 13.12 2.96 3.29
C GLU A 58 13.95 2.41 2.11
N GLY A 59 14.82 3.24 1.54
CA GLY A 59 15.66 2.87 0.41
C GLY A 59 14.90 2.67 -0.89
N ARG A 60 13.65 3.13 -0.94
CA ARG A 60 12.75 3.00 -2.07
C ARG A 60 12.96 4.03 -3.20
N GLN A 61 13.82 5.06 -2.97
CA GLN A 61 14.07 6.12 -3.95
C GLN A 61 12.76 6.84 -4.42
N GLY A 62 11.80 6.97 -3.49
CA GLY A 62 10.52 7.64 -3.73
C GLY A 62 10.64 9.11 -4.09
N ILE A 63 11.67 9.81 -3.58
CA ILE A 63 11.90 11.23 -3.91
C ILE A 63 12.29 11.37 -5.39
N ALA A 64 13.30 10.56 -5.85
CA ALA A 64 13.77 10.54 -7.24
C ALA A 64 12.62 10.21 -8.20
N GLN A 65 11.78 9.22 -7.83
CA GLN A 65 10.60 8.79 -8.58
C GLN A 65 9.58 9.93 -8.69
N LEU A 66 9.34 10.65 -7.58
CA LEU A 66 8.41 11.78 -7.53
C LEU A 66 8.89 12.94 -8.41
N PHE A 67 10.20 13.26 -8.38
CA PHE A 67 10.78 14.34 -9.18
C PHE A 67 11.21 13.90 -10.59
N ASP A 68 10.92 12.63 -10.92
CA ASP A 68 11.23 12.00 -12.22
C ASP A 68 12.74 12.15 -12.61
N VAL A 69 13.63 11.84 -11.65
CA VAL A 69 15.08 11.93 -11.82
C VAL A 69 15.72 10.58 -11.51
N PRO A 70 16.97 10.32 -11.99
CA PRO A 70 17.66 9.06 -11.62
C PRO A 70 17.85 8.91 -10.10
N PRO A 71 18.18 7.68 -9.62
CA PRO A 71 18.41 7.48 -8.16
C PRO A 71 19.38 8.47 -7.50
N LEU A 72 18.96 9.04 -6.37
CA LEU A 72 19.75 10.01 -5.61
C LEU A 72 20.85 9.35 -4.77
N PRO A 73 22.06 9.95 -4.71
CA PRO A 73 23.11 9.38 -3.85
C PRO A 73 22.92 9.79 -2.39
N TYR A 74 23.76 9.24 -1.49
CA TYR A 74 23.67 9.58 -0.08
C TYR A 74 24.34 10.94 0.20
N GLN A 75 23.65 12.04 -0.17
CA GLN A 75 24.07 13.43 -0.05
C GLN A 75 22.84 14.31 -0.01
N GLU A 76 22.90 15.45 0.69
CA GLU A 76 21.79 16.42 0.74
C GLU A 76 21.94 17.31 -0.47
N LEU A 77 20.99 17.23 -1.41
CA LEU A 77 21.10 17.96 -2.67
C LEU A 77 19.87 18.76 -2.97
N LYS A 78 20.04 19.95 -3.53
CA LYS A 78 18.91 20.80 -3.88
C LYS A 78 18.10 20.15 -4.99
N ILE A 79 16.81 19.96 -4.72
CA ILE A 79 15.93 19.33 -5.71
C ILE A 79 14.82 20.26 -6.19
N ALA A 80 14.51 21.29 -5.41
CA ALA A 80 13.45 22.22 -5.80
C ALA A 80 13.57 23.61 -5.20
N THR A 81 13.19 24.60 -6.00
CA THR A 81 13.19 26.02 -5.61
C THR A 81 11.77 26.29 -5.09
N ALA A 82 11.64 26.73 -3.84
CA ALA A 82 10.33 27.07 -3.29
C ALA A 82 10.04 28.53 -3.63
N GLU A 83 8.80 28.99 -3.38
CA GLU A 83 8.34 30.37 -3.58
C GLU A 83 9.26 31.39 -2.90
N ARG A 84 9.57 32.48 -3.60
CA ARG A 84 10.38 33.61 -3.13
C ARG A 84 11.75 33.22 -2.53
N GLY A 85 12.53 32.46 -3.29
CA GLY A 85 13.90 32.10 -2.93
C GLY A 85 14.10 30.99 -1.92
N GLY A 86 13.06 30.24 -1.63
CA GLY A 86 13.16 29.13 -0.72
C GLY A 86 13.83 27.95 -1.40
N GLN A 87 14.29 27.01 -0.60
CA GLN A 87 15.00 25.85 -1.11
C GLN A 87 14.61 24.57 -0.40
N VAL A 88 14.38 23.53 -1.19
CA VAL A 88 14.13 22.19 -0.71
C VAL A 88 15.31 21.29 -1.12
N ASN A 89 16.02 20.73 -0.12
CA ASN A 89 17.08 19.75 -0.30
C ASN A 89 16.49 18.36 -0.11
N ALA A 90 17.10 17.34 -0.75
CA ALA A 90 16.64 15.95 -0.62
C ALA A 90 17.69 15.06 0.00
N LEU A 91 17.26 14.17 0.88
CA LEU A 91 18.16 13.16 1.44
C LEU A 91 17.55 11.74 1.38
N ALA A 92 17.99 10.94 0.40
CA ALA A 92 17.55 9.54 0.31
C ALA A 92 18.57 8.79 1.18
N ILE A 93 18.20 8.44 2.43
CA ILE A 93 19.14 7.76 3.34
C ILE A 93 19.50 6.36 2.78
N ASP A 94 20.80 6.10 2.66
CA ASP A 94 21.34 4.83 2.20
C ASP A 94 21.75 4.13 3.52
N ILE A 95 20.97 3.11 3.94
CA ILE A 95 21.18 2.39 5.21
C ILE A 95 22.57 1.73 5.30
N GLU A 96 23.06 1.21 4.16
CA GLU A 96 24.37 0.58 4.05
C GLU A 96 25.49 1.59 4.33
N ALA A 97 25.43 2.76 3.67
CA ALA A 97 26.38 3.86 3.88
C ALA A 97 26.25 4.46 5.30
N ALA A 98 25.00 4.52 5.84
CA ALA A 98 24.75 5.01 7.22
C ALA A 98 25.36 4.06 8.26
N PHE A 99 25.32 2.74 8.01
CA PHE A 99 25.93 1.75 8.89
C PHE A 99 27.47 1.87 8.93
N LEU A 100 28.11 2.11 7.76
CA LEU A 100 29.57 2.33 7.65
C LEU A 100 30.00 3.61 8.35
N GLU A 101 29.19 4.68 8.21
CA GLU A 101 29.38 5.98 8.85
C GLU A 101 29.39 5.79 10.38
N TYR A 102 28.46 4.97 10.89
CA TYR A 102 28.27 4.64 12.30
C TYR A 102 29.46 3.83 12.83
N LEU A 103 29.84 2.74 12.14
CA LEU A 103 30.99 1.91 12.51
C LEU A 103 32.27 2.72 12.61
N ASP A 104 32.49 3.61 11.64
CA ASP A 104 33.67 4.47 11.60
C ASP A 104 33.66 5.59 12.64
N MET A 105 32.54 6.32 12.81
CA MET A 105 32.45 7.43 13.75
C MET A 105 32.36 6.99 15.22
N PHE A 106 31.63 5.91 15.52
CA PHE A 106 31.41 5.46 16.90
C PHE A 106 32.30 4.33 17.41
N TYR A 107 32.86 3.51 16.51
CA TYR A 107 33.68 2.36 16.90
C TYR A 107 35.03 2.31 16.17
N ASN A 108 35.29 3.27 15.25
CA ASN A 108 36.50 3.35 14.42
C ASN A 108 36.76 2.02 13.64
N LEU A 109 35.65 1.40 13.14
CA LEU A 109 35.65 0.14 12.39
C LEU A 109 35.35 0.38 10.90
N GLY A 110 35.88 1.50 10.38
CA GLY A 110 35.75 1.89 8.98
C GLY A 110 36.38 0.89 8.04
N ILE A 111 37.48 0.24 8.49
CA ILE A 111 38.22 -0.79 7.76
C ILE A 111 37.39 -2.08 7.65
N ALA A 112 36.83 -2.54 8.79
CA ALA A 112 35.98 -3.71 8.91
C ALA A 112 34.73 -3.48 8.06
N GLY A 113 34.15 -2.27 8.15
CA GLY A 113 32.99 -1.85 7.38
C GLY A 113 33.19 -1.96 5.88
N ARG A 114 34.26 -1.35 5.35
CA ARG A 114 34.62 -1.39 3.92
C ARG A 114 34.83 -2.82 3.40
N ALA A 115 35.32 -3.73 4.26
CA ALA A 115 35.53 -5.14 3.93
C ALA A 115 34.18 -5.88 3.85
N MET A 116 33.23 -5.51 4.74
CA MET A 116 31.87 -6.06 4.82
C MET A 116 31.04 -5.73 3.58
N ARG A 117 31.20 -4.50 3.04
CA ARG A 117 30.51 -4.02 1.84
C ARG A 117 30.87 -4.91 0.62
N ARG A 118 32.15 -5.28 0.50
CA ARG A 118 32.69 -6.13 -0.58
C ARG A 118 32.20 -7.59 -0.56
N ILE A 119 31.50 -8.03 0.53
CA ILE A 119 30.97 -9.40 0.70
C ILE A 119 29.45 -9.41 1.07
N GLY A 120 28.79 -8.25 0.89
CA GLY A 120 27.37 -8.04 1.15
C GLY A 120 26.92 -8.19 2.59
N ALA A 121 27.85 -8.01 3.56
CA ALA A 121 27.61 -8.19 5.00
C ALA A 121 26.91 -7.01 5.69
N VAL A 122 26.88 -5.84 5.04
CA VAL A 122 26.22 -4.65 5.59
C VAL A 122 24.72 -4.79 5.34
N GLU A 123 24.34 -5.27 4.12
CA GLU A 123 22.97 -5.59 3.70
C GLU A 123 22.40 -6.62 4.67
N PHE A 124 23.20 -7.66 4.99
CA PHE A 124 22.86 -8.73 5.91
C PHE A 124 22.55 -8.20 7.30
N ALA A 125 23.53 -7.52 7.95
CA ALA A 125 23.45 -6.95 9.30
C ALA A 125 22.24 -6.02 9.49
N THR A 126 21.97 -5.13 8.50
CA THR A 126 20.82 -4.21 8.53
C THR A 126 19.51 -4.97 8.38
N THR A 127 19.49 -6.06 7.56
CA THR A 127 18.31 -6.92 7.35
C THR A 127 17.97 -7.78 8.58
N ILE A 128 18.98 -8.43 9.19
CA ILE A 128 18.80 -9.34 10.33
C ILE A 128 18.57 -8.62 11.67
N ALA A 129 18.80 -7.29 11.72
CA ALA A 129 18.64 -6.49 12.95
C ALA A 129 17.82 -5.21 12.67
N PRO A 130 16.46 -5.33 12.74
CA PRO A 130 15.57 -4.19 12.45
C PRO A 130 15.71 -3.00 13.41
N GLY A 131 16.13 -3.29 14.65
CA GLY A 131 16.40 -2.28 15.68
C GLY A 131 17.61 -1.43 15.33
N LEU A 132 18.69 -2.07 14.81
CA LEU A 132 19.90 -1.36 14.34
C LEU A 132 19.51 -0.39 13.19
N ARG A 133 18.67 -0.88 12.25
CA ARG A 133 18.14 -0.12 11.14
C ARG A 133 17.46 1.16 11.62
N ASP A 134 16.50 1.05 12.57
CA ASP A 134 15.77 2.19 13.13
C ASP A 134 16.66 3.16 13.92
N VAL A 135 17.70 2.65 14.63
CA VAL A 135 18.68 3.45 15.37
C VAL A 135 19.47 4.31 14.37
N LEU A 136 19.92 3.71 13.25
CA LEU A 136 20.68 4.41 12.21
C LEU A 136 19.85 5.51 11.56
N LEU A 137 18.57 5.21 11.24
CA LEU A 137 17.64 6.11 10.56
C LEU A 137 17.18 7.28 11.41
N THR A 138 16.67 7.02 12.64
CA THR A 138 16.21 8.08 13.53
C THR A 138 17.42 8.92 14.03
N GLY A 139 18.57 8.26 14.15
CA GLY A 139 19.81 8.92 14.56
C GLY A 139 20.30 9.91 13.52
N LYS A 140 20.18 9.56 12.23
CA LYS A 140 20.56 10.42 11.12
C LYS A 140 19.56 11.58 10.99
N ILE A 141 18.26 11.30 11.19
CA ILE A 141 17.19 12.30 11.17
C ILE A 141 17.50 13.35 12.25
N LYS A 142 17.83 12.91 13.48
CA LYS A 142 18.18 13.79 14.59
C LYS A 142 19.41 14.69 14.26
N GLU A 143 20.42 14.12 13.58
CA GLU A 143 21.63 14.83 13.17
C GLU A 143 21.29 15.99 12.20
N THR A 144 20.32 15.80 11.28
CA THR A 144 19.92 16.84 10.33
C THR A 144 19.17 17.98 11.00
N VAL A 145 18.37 17.65 12.05
CA VAL A 145 17.55 18.56 12.85
C VAL A 145 18.41 19.50 13.72
N VAL A 146 19.41 18.94 14.45
CA VAL A 146 20.23 19.68 15.42
C VAL A 146 21.48 20.32 14.78
N ARG A 147 21.76 20.05 13.48
CA ARG A 147 22.95 20.62 12.80
C ARG A 147 22.96 22.16 12.76
N LEU A 148 24.07 22.74 13.22
CA LEU A 148 24.29 24.19 13.25
C LEU A 148 25.35 24.61 12.24
N ASP A 149 25.24 25.85 11.72
CA ASP A 149 26.21 26.42 10.78
C ASP A 149 27.39 27.08 11.53
N LYS A 150 28.19 27.92 10.83
CA LYS A 150 29.32 28.65 11.38
C LYS A 150 28.90 29.64 12.46
N ASN A 151 27.66 30.16 12.38
CA ASN A 151 27.13 31.16 13.30
C ASN A 151 26.23 30.61 14.42
N LYS A 152 26.32 29.29 14.72
CA LYS A 152 25.53 28.58 15.75
C LYS A 152 24.01 28.65 15.47
N LEU A 153 23.65 28.78 14.16
CA LEU A 153 22.25 28.84 13.69
C LEU A 153 21.88 27.54 12.95
N PRO A 154 20.61 27.06 12.99
CA PRO A 154 20.28 25.80 12.29
C PRO A 154 20.50 25.84 10.78
N VAL A 155 21.13 24.80 10.22
CA VAL A 155 21.37 24.64 8.77
C VAL A 155 20.00 24.61 8.06
N TYR A 156 19.05 23.83 8.61
CA TYR A 156 17.69 23.75 8.04
C TYR A 156 16.66 24.44 8.91
N ASP A 157 15.70 25.09 8.29
CA ASP A 157 14.57 25.73 8.98
C ASP A 157 13.59 24.66 9.45
N ALA A 158 13.50 23.55 8.70
CA ALA A 158 12.64 22.40 9.01
C ALA A 158 13.14 21.16 8.28
N ILE A 159 12.78 20.00 8.81
CA ILE A 159 13.06 18.68 8.25
C ILE A 159 11.70 18.00 8.06
N VAL A 160 11.45 17.51 6.85
CA VAL A 160 10.22 16.79 6.55
C VAL A 160 10.60 15.35 6.21
N VAL A 161 10.09 14.40 6.99
CA VAL A 161 10.37 13.00 6.76
C VAL A 161 9.16 12.33 6.12
N ASP A 162 9.40 11.71 4.92
CA ASP A 162 8.46 10.84 4.21
C ASP A 162 8.75 9.54 5.00
N ALA A 163 7.95 9.34 6.06
CA ALA A 163 8.14 8.31 7.07
C ALA A 163 7.57 6.91 6.73
N PRO A 164 7.93 5.84 7.47
CA PRO A 164 7.29 4.54 7.26
C PRO A 164 5.74 4.61 7.43
N PRO A 165 4.98 3.62 6.88
CA PRO A 165 3.51 3.72 6.97
C PRO A 165 2.92 3.58 8.38
N THR A 166 1.59 3.74 8.50
CA THR A 166 0.85 3.69 9.78
C THR A 166 1.06 2.40 10.59
N GLY A 167 1.25 1.27 9.92
CA GLY A 167 1.46 -0.03 10.56
C GLY A 167 2.84 -0.22 11.15
N ARG A 168 3.81 0.65 10.80
CA ARG A 168 5.21 0.56 11.23
C ARG A 168 5.72 1.80 11.97
N ILE A 169 4.97 2.91 11.93
CA ILE A 169 5.42 4.21 12.48
C ILE A 169 5.72 4.16 13.99
N ALA A 170 4.85 3.53 14.79
CA ALA A 170 5.04 3.50 16.25
C ALA A 170 6.30 2.75 16.64
N ARG A 171 6.56 1.58 16.03
CA ARG A 171 7.79 0.79 16.23
C ARG A 171 9.03 1.55 15.73
N PHE A 172 8.93 2.23 14.57
CA PHE A 172 10.03 3.02 14.01
C PHE A 172 10.52 4.12 14.99
N LEU A 173 9.58 4.71 15.75
CA LEU A 173 9.90 5.78 16.70
C LEU A 173 10.10 5.27 18.13
N ASP A 174 10.10 3.94 18.31
CA ASP A 174 10.32 3.32 19.61
C ASP A 174 11.81 3.08 19.82
N VAL A 175 12.51 4.15 20.23
CA VAL A 175 13.97 4.19 20.45
C VAL A 175 14.41 3.20 21.56
N THR A 176 13.60 3.04 22.61
CA THR A 176 13.88 2.12 23.72
C THR A 176 13.89 0.67 23.20
N LYS A 177 12.90 0.26 22.38
CA LYS A 177 12.87 -1.09 21.81
C LYS A 177 13.99 -1.33 20.79
N ALA A 178 14.30 -0.32 19.94
CA ALA A 178 15.36 -0.44 18.93
C ALA A 178 16.75 -0.66 19.55
N VAL A 179 17.07 0.08 20.62
CA VAL A 179 18.36 0.04 21.32
C VAL A 179 18.52 -1.26 22.15
N SER A 180 17.40 -1.88 22.59
CA SER A 180 17.38 -3.11 23.41
C SER A 180 18.12 -4.32 22.79
N ASP A 181 18.25 -4.36 21.47
CA ASP A 181 18.89 -5.44 20.73
C ASP A 181 20.29 -5.05 20.23
N LEU A 182 20.82 -3.94 20.77
CA LEU A 182 22.16 -3.46 20.45
C LEU A 182 23.11 -3.70 21.62
N ALA A 183 24.43 -3.69 21.35
CA ALA A 183 25.47 -3.93 22.36
C ALA A 183 25.40 -2.90 23.48
N LYS A 184 25.53 -3.40 24.73
CA LYS A 184 25.49 -2.60 25.95
C LYS A 184 26.72 -1.70 26.09
N GLY A 185 26.49 -0.47 26.53
CA GLY A 185 27.53 0.53 26.69
C GLY A 185 27.84 1.27 25.40
N GLY A 186 29.04 1.83 25.33
CA GLY A 186 29.50 2.56 24.15
C GLY A 186 28.87 3.93 23.98
N PRO A 187 28.93 4.51 22.75
CA PRO A 187 28.36 5.86 22.55
C PRO A 187 26.90 5.93 22.09
N VAL A 188 26.39 4.86 21.45
CA VAL A 188 25.02 4.71 20.92
C VAL A 188 23.95 4.94 22.00
N HIS A 189 24.14 4.37 23.21
CA HIS A 189 23.23 4.47 24.36
C HIS A 189 23.09 5.90 24.90
N ALA A 190 24.12 6.76 24.68
CA ALA A 190 24.11 8.16 25.08
C ALA A 190 23.35 9.02 24.06
N GLN A 191 23.56 8.74 22.74
CA GLN A 191 22.92 9.42 21.60
C GLN A 191 21.43 9.17 21.53
N SER A 192 21.00 7.96 21.93
CA SER A 192 19.60 7.50 21.95
C SER A 192 18.71 8.32 22.87
N GLU A 193 19.29 8.90 23.94
CA GLU A 193 18.59 9.73 24.92
C GLU A 193 18.15 11.06 24.25
N GLY A 194 19.05 11.64 23.44
CA GLY A 194 18.84 12.86 22.67
C GLY A 194 17.79 12.67 21.59
N VAL A 195 17.72 11.45 21.01
CA VAL A 195 16.75 11.07 19.97
C VAL A 195 15.35 11.03 20.61
N VAL A 196 15.21 10.33 21.77
CA VAL A 196 13.99 10.23 22.57
C VAL A 196 13.47 11.62 22.95
N LYS A 197 14.38 12.50 23.48
CA LYS A 197 14.08 13.87 23.90
C LYS A 197 13.52 14.68 22.74
N LEU A 198 14.18 14.60 21.56
CA LEU A 198 13.75 15.31 20.35
C LEU A 198 12.35 14.85 19.91
N LEU A 199 12.15 13.52 19.77
CA LEU A 199 10.87 12.93 19.33
C LEU A 199 9.68 13.29 20.21
N HIS A 200 9.88 13.33 21.53
CA HIS A 200 8.84 13.63 22.53
C HIS A 200 8.60 15.15 22.77
N SER A 201 9.45 16.02 22.20
CA SER A 201 9.32 17.48 22.38
C SER A 201 8.34 18.16 21.41
N ASN A 202 8.13 19.48 21.64
CA ASN A 202 7.34 20.42 20.85
C ASN A 202 8.07 20.79 19.55
N GLN A 203 9.29 20.25 19.33
CA GLN A 203 10.11 20.43 18.11
C GLN A 203 9.71 19.40 17.06
N THR A 204 8.88 18.41 17.44
CA THR A 204 8.43 17.32 16.57
C THR A 204 6.90 17.32 16.46
N ALA A 205 6.40 16.79 15.32
CA ALA A 205 4.97 16.57 15.04
C ALA A 205 4.86 15.46 14.01
N ILE A 206 3.93 14.53 14.25
CA ILE A 206 3.62 13.41 13.34
C ILE A 206 2.28 13.72 12.66
N HIS A 207 2.31 13.86 11.32
CA HIS A 207 1.15 14.10 10.46
C HIS A 207 0.74 12.77 9.85
N LEU A 208 -0.56 12.55 9.76
CA LEU A 208 -1.12 11.29 9.28
C LEU A 208 -1.98 11.51 8.07
N VAL A 209 -1.48 11.06 6.94
CA VAL A 209 -2.19 11.12 5.66
C VAL A 209 -3.21 9.98 5.64
N THR A 210 -4.43 10.30 5.19
CA THR A 210 -5.50 9.33 5.03
C THR A 210 -6.31 9.63 3.77
N LEU A 211 -7.03 8.61 3.30
CA LEU A 211 -8.02 8.71 2.21
C LEU A 211 -9.37 8.47 2.88
N LEU A 212 -10.47 8.98 2.28
CA LEU A 212 -11.80 8.75 2.85
C LEU A 212 -12.28 7.36 2.43
N GLU A 213 -11.53 6.35 2.91
CA GLU A 213 -11.72 4.91 2.69
C GLU A 213 -11.53 4.25 4.04
N ALA A 214 -12.24 3.15 4.27
CA ALA A 214 -12.31 2.42 5.55
C ALA A 214 -10.96 2.06 6.19
N LEU A 215 -10.08 1.36 5.46
CA LEU A 215 -8.77 0.91 5.95
C LEU A 215 -7.81 2.08 6.24
N PRO A 216 -7.60 3.09 5.34
CA PRO A 216 -6.70 4.21 5.69
C PRO A 216 -7.15 4.98 6.94
N VAL A 217 -8.47 5.14 7.13
CA VAL A 217 -9.05 5.82 8.30
C VAL A 217 -8.85 4.97 9.58
N GLN A 218 -9.09 3.65 9.51
CA GLN A 218 -8.90 2.73 10.62
C GLN A 218 -7.44 2.74 11.13
N GLU A 219 -6.49 2.72 10.19
CA GLU A 219 -5.06 2.71 10.49
C GLU A 219 -4.60 4.02 11.09
N THR A 220 -5.17 5.15 10.63
CA THR A 220 -4.93 6.49 11.13
C THR A 220 -5.35 6.55 12.62
N LEU A 221 -6.55 6.04 12.94
CA LEU A 221 -7.08 5.99 14.31
C LEU A 221 -6.22 5.12 15.24
N GLU A 222 -5.88 3.89 14.77
CA GLU A 222 -5.04 2.92 15.48
C GLU A 222 -3.62 3.44 15.71
N ALA A 223 -3.05 4.20 14.74
CA ALA A 223 -1.73 4.81 14.85
C ALA A 223 -1.74 5.96 15.86
N ILE A 224 -2.74 6.87 15.80
CA ILE A 224 -2.88 8.00 16.76
C ILE A 224 -2.93 7.49 18.21
N GLU A 225 -3.69 6.41 18.46
CA GLU A 225 -3.85 5.78 19.78
C GLU A 225 -2.50 5.23 20.29
N GLU A 226 -1.77 4.49 19.42
CA GLU A 226 -0.47 3.90 19.73
C GLU A 226 0.54 5.03 20.00
N LEU A 227 0.50 6.09 19.17
CA LEU A 227 1.42 7.21 19.31
C LEU A 227 1.15 8.05 20.58
N ALA A 228 -0.13 8.28 20.91
CA ALA A 228 -0.57 9.01 22.13
C ALA A 228 -0.12 8.27 23.40
N GLN A 229 -0.19 6.92 23.39
CA GLN A 229 0.27 6.04 24.48
C GLN A 229 1.77 6.17 24.71
N MET A 230 2.53 6.39 23.65
CA MET A 230 3.98 6.57 23.69
C MET A 230 4.35 8.02 24.04
N GLU A 231 3.34 8.91 24.13
CA GLU A 231 3.45 10.34 24.39
C GLU A 231 4.22 11.04 23.26
N LEU A 232 3.98 10.59 22.03
CA LEU A 232 4.59 11.16 20.84
C LEU A 232 3.66 12.27 20.27
N PRO A 233 4.20 13.45 19.89
CA PRO A 233 3.33 14.55 19.43
C PRO A 233 2.67 14.36 18.08
N ILE A 234 1.34 14.43 18.07
CA ILE A 234 0.51 14.36 16.87
C ILE A 234 0.39 15.79 16.33
N GLY A 235 0.52 15.93 15.01
CA GLY A 235 0.40 17.19 14.32
C GLY A 235 -0.97 17.35 13.72
N SER A 236 -1.14 16.95 12.46
CA SER A 236 -2.42 17.06 11.76
C SER A 236 -2.83 15.76 11.09
N VAL A 237 -4.13 15.60 10.84
CA VAL A 237 -4.63 14.52 10.00
C VAL A 237 -4.83 15.20 8.62
N ILE A 238 -4.21 14.66 7.56
CA ILE A 238 -4.31 15.22 6.23
C ILE A 238 -5.15 14.32 5.37
N VAL A 239 -6.38 14.78 5.04
CA VAL A 239 -7.32 14.05 4.20
C VAL A 239 -7.01 14.37 2.75
N ASN A 240 -6.37 13.42 2.06
CA ASN A 240 -5.98 13.55 0.66
C ASN A 240 -7.11 13.12 -0.30
N ARG A 241 -6.98 13.56 -1.57
CA ARG A 241 -7.84 13.25 -2.73
C ARG A 241 -9.33 13.43 -2.46
N ASN A 242 -9.70 14.63 -2.01
CA ASN A 242 -11.08 14.99 -1.80
C ASN A 242 -11.74 15.20 -3.14
N ILE A 243 -13.07 15.01 -3.20
CA ILE A 243 -13.85 15.19 -4.43
C ILE A 243 -15.03 16.12 -4.16
N PRO A 244 -15.54 16.80 -5.20
CA PRO A 244 -16.64 17.71 -5.04
C PRO A 244 -17.97 16.96 -4.82
N ALA A 245 -18.74 17.41 -3.84
CA ALA A 245 -20.06 16.82 -3.58
C ALA A 245 -21.04 17.11 -4.70
N HIS A 246 -21.13 18.37 -5.15
CA HIS A 246 -21.94 18.88 -6.29
C HIS A 246 -23.43 19.02 -5.94
N LEU A 247 -23.82 18.72 -4.73
CA LEU A 247 -25.24 18.57 -4.37
C LEU A 247 -25.36 19.18 -2.99
N GLU A 248 -26.47 19.83 -2.75
CA GLU A 248 -26.65 20.47 -1.44
C GLU A 248 -27.01 19.37 -0.39
N PRO A 249 -26.63 19.54 0.92
CA PRO A 249 -26.89 18.46 1.91
C PRO A 249 -28.24 17.74 1.86
N GLN A 250 -29.36 18.49 1.66
CA GLN A 250 -30.69 17.89 1.59
C GLN A 250 -30.91 17.08 0.31
N ASP A 251 -30.47 17.64 -0.84
CA ASP A 251 -30.55 16.98 -2.16
C ASP A 251 -29.68 15.72 -2.21
N LEU A 252 -28.52 15.74 -1.51
CA LEU A 252 -27.59 14.61 -1.45
C LEU A 252 -28.15 13.47 -0.62
N ALA A 253 -28.67 13.78 0.58
CA ALA A 253 -29.25 12.81 1.52
C ALA A 253 -30.38 12.02 0.87
N LYS A 254 -31.23 12.71 0.06
CA LYS A 254 -32.34 12.10 -0.66
C LYS A 254 -31.85 11.22 -1.81
N ALA A 255 -30.92 11.74 -2.65
CA ALA A 255 -30.32 11.04 -3.80
C ALA A 255 -29.57 9.75 -3.42
N ALA A 256 -29.00 9.70 -2.19
CA ALA A 256 -28.32 8.52 -1.65
C ALA A 256 -29.32 7.38 -1.39
N GLU A 257 -30.62 7.71 -1.29
CA GLU A 257 -31.73 6.76 -1.08
C GLU A 257 -32.46 6.38 -2.38
N GLY A 258 -32.18 7.11 -3.46
CA GLY A 258 -32.76 6.90 -4.79
C GLY A 258 -33.80 7.93 -5.18
N GLU A 259 -33.87 9.05 -4.43
CA GLU A 259 -34.84 10.12 -4.64
C GLU A 259 -34.17 11.39 -5.17
N VAL A 260 -34.28 11.57 -6.48
CA VAL A 260 -33.86 12.82 -7.18
C VAL A 260 -35.15 13.24 -7.88
N ASP A 261 -35.72 14.38 -7.53
CA ASP A 261 -37.02 14.69 -8.18
C ASP A 261 -36.72 14.92 -9.66
N ALA A 262 -37.35 14.14 -10.54
CA ALA A 262 -37.10 14.41 -11.98
C ALA A 262 -37.87 15.66 -12.43
N ASP A 263 -39.11 15.82 -12.01
CA ASP A 263 -39.83 17.01 -12.47
C ASP A 263 -38.98 18.29 -12.41
N SER A 264 -38.27 18.52 -11.29
CA SER A 264 -37.38 19.68 -11.11
C SER A 264 -36.17 19.61 -12.06
N VAL A 265 -35.60 18.38 -12.27
CA VAL A 265 -34.46 18.12 -13.15
C VAL A 265 -34.87 18.36 -14.62
N ARG A 266 -36.03 17.81 -15.05
CA ARG A 266 -36.59 17.96 -16.41
C ARG A 266 -36.87 19.45 -16.73
N ALA A 267 -37.36 20.21 -15.73
CA ALA A 267 -37.67 21.64 -15.82
C ALA A 267 -36.40 22.47 -16.03
N GLY A 268 -35.38 22.21 -15.21
CA GLY A 268 -34.08 22.87 -15.28
C GLY A 268 -33.31 22.55 -16.55
N LEU A 269 -33.60 21.38 -17.16
CA LEU A 269 -32.99 20.95 -18.41
C LEU A 269 -33.63 21.71 -19.58
N LEU A 270 -34.97 21.92 -19.54
CA LEU A 270 -35.72 22.67 -20.55
C LEU A 270 -35.29 24.14 -20.59
N THR A 271 -34.95 24.71 -19.42
CA THR A 271 -34.46 26.07 -19.21
C THR A 271 -33.11 26.27 -19.93
N ALA A 272 -32.23 25.26 -19.86
CA ALA A 272 -30.90 25.26 -20.49
C ALA A 272 -30.92 24.80 -21.96
N GLY A 273 -32.12 24.53 -22.48
CA GLY A 273 -32.34 24.08 -23.85
C GLY A 273 -31.85 22.67 -24.10
N VAL A 274 -32.23 21.72 -23.19
CA VAL A 274 -31.85 20.31 -23.24
C VAL A 274 -33.11 19.44 -22.99
N LYS A 275 -33.44 18.58 -23.95
CA LYS A 275 -34.56 17.64 -23.89
C LYS A 275 -33.99 16.25 -24.15
N LEU A 276 -33.98 15.41 -23.11
CA LEU A 276 -33.42 14.06 -23.19
C LEU A 276 -34.48 12.96 -23.34
N PRO A 277 -34.17 11.89 -24.13
CA PRO A 277 -35.10 10.74 -24.20
C PRO A 277 -35.14 9.96 -22.87
N ASP A 278 -36.17 9.11 -22.70
CA ASP A 278 -36.42 8.32 -21.48
C ASP A 278 -35.26 7.45 -21.00
N ALA A 279 -34.43 6.90 -21.91
CA ALA A 279 -33.28 6.06 -21.55
C ALA A 279 -32.06 6.88 -21.08
N ASP A 280 -31.93 8.12 -21.61
CA ASP A 280 -30.83 9.04 -21.26
C ASP A 280 -31.16 9.84 -20.00
N PHE A 281 -32.46 10.21 -19.82
CA PHE A 281 -32.91 10.95 -18.64
C PHE A 281 -32.84 10.05 -17.40
N ALA A 282 -33.31 8.78 -17.51
CA ALA A 282 -33.25 7.79 -16.44
C ALA A 282 -31.79 7.50 -16.06
N GLY A 283 -30.93 7.39 -17.07
CA GLY A 283 -29.50 7.14 -16.92
C GLY A 283 -28.77 8.25 -16.21
N LEU A 284 -29.15 9.51 -16.52
CA LEU A 284 -28.61 10.74 -15.90
C LEU A 284 -28.99 10.78 -14.40
N LEU A 285 -30.22 10.32 -14.06
CA LEU A 285 -30.70 10.26 -12.67
C LEU A 285 -29.91 9.25 -11.82
N THR A 286 -29.70 8.01 -12.32
CA THR A 286 -28.94 6.96 -11.62
C THR A 286 -27.45 7.33 -11.47
N GLU A 287 -26.92 8.21 -12.34
CA GLU A 287 -25.55 8.72 -12.31
C GLU A 287 -25.37 9.60 -11.08
N THR A 288 -26.40 10.39 -10.73
CA THR A 288 -26.35 11.28 -9.56
C THR A 288 -26.65 10.52 -8.28
N ILE A 289 -27.49 9.45 -8.36
CA ILE A 289 -27.81 8.59 -7.22
C ILE A 289 -26.51 7.91 -6.78
N GLN A 290 -25.76 7.35 -7.76
CA GLN A 290 -24.49 6.66 -7.56
C GLN A 290 -23.41 7.59 -7.03
N HIS A 291 -23.40 8.86 -7.47
CA HIS A 291 -22.45 9.86 -6.98
C HIS A 291 -22.77 10.15 -5.49
N ALA A 292 -24.05 10.44 -5.20
CA ALA A 292 -24.57 10.72 -3.84
C ALA A 292 -24.34 9.55 -2.90
N THR A 293 -24.45 8.28 -3.38
CA THR A 293 -24.18 7.06 -2.60
C THR A 293 -22.67 7.01 -2.25
N ARG A 294 -21.80 7.45 -3.16
CA ARG A 294 -20.36 7.49 -2.95
C ARG A 294 -19.99 8.58 -1.92
N ILE A 295 -20.58 9.78 -2.03
CA ILE A 295 -20.33 10.91 -1.11
C ILE A 295 -20.78 10.57 0.33
N THR A 296 -22.00 10.03 0.48
CA THR A 296 -22.62 9.64 1.75
C THR A 296 -21.73 8.66 2.51
N ALA A 297 -21.29 7.57 1.83
CA ALA A 297 -20.39 6.55 2.35
C ALA A 297 -19.04 7.18 2.78
N ARG A 298 -18.48 8.10 1.95
CA ARG A 298 -17.23 8.81 2.27
C ARG A 298 -17.39 9.67 3.52
N ALA A 299 -18.55 10.36 3.67
CA ALA A 299 -18.90 11.20 4.84
C ALA A 299 -19.07 10.37 6.13
N GLU A 300 -19.58 9.12 6.00
CA GLU A 300 -19.77 8.15 7.07
C GLU A 300 -18.42 7.67 7.61
N ILE A 301 -17.45 7.48 6.70
CA ILE A 301 -16.07 7.08 6.99
C ILE A 301 -15.35 8.24 7.69
N ALA A 302 -15.46 9.47 7.12
CA ALA A 302 -14.90 10.73 7.62
C ALA A 302 -15.37 11.07 9.05
N GLN A 303 -16.64 10.76 9.37
CA GLN A 303 -17.25 10.97 10.69
C GLN A 303 -16.45 10.28 11.83
N GLN A 304 -15.79 9.14 11.54
CA GLN A 304 -14.98 8.41 12.52
C GLN A 304 -13.77 9.24 13.03
N LEU A 305 -13.30 10.23 12.23
CA LEU A 305 -12.19 11.12 12.58
C LEU A 305 -12.66 12.24 13.51
N ASP A 306 -13.97 12.59 13.48
CA ASP A 306 -14.58 13.67 14.30
C ASP A 306 -14.34 13.49 15.81
N ALA A 307 -14.13 12.24 16.25
CA ALA A 307 -13.86 11.86 17.63
C ALA A 307 -12.50 12.37 18.12
N LEU A 308 -11.52 12.50 17.19
CA LEU A 308 -10.16 13.00 17.49
C LEU A 308 -10.18 14.51 17.63
N GLN A 309 -9.52 15.04 18.66
CA GLN A 309 -9.44 16.49 18.83
C GLN A 309 -8.07 16.87 18.27
N VAL A 310 -7.91 16.59 16.96
CA VAL A 310 -6.70 16.74 16.17
C VAL A 310 -7.00 17.63 14.97
N PRO A 311 -6.13 18.62 14.64
CA PRO A 311 -6.38 19.43 13.43
C PRO A 311 -6.43 18.60 12.14
N ARG A 312 -7.27 19.04 11.23
CA ARG A 312 -7.49 18.37 9.97
C ARG A 312 -7.29 19.28 8.79
N LEU A 313 -6.51 18.80 7.82
CA LEU A 313 -6.20 19.45 6.56
C LEU A 313 -6.83 18.61 5.44
N GLU A 314 -7.18 19.26 4.31
CA GLU A 314 -7.81 18.63 3.14
C GLU A 314 -7.12 19.07 1.87
N LEU A 315 -6.77 18.09 1.03
CA LEU A 315 -6.18 18.33 -0.26
C LEU A 315 -7.11 17.81 -1.37
N PRO A 316 -7.13 18.46 -2.55
CA PRO A 316 -7.99 17.98 -3.63
C PRO A 316 -7.31 16.81 -4.39
N THR A 317 -8.03 16.30 -5.40
CA THR A 317 -7.55 15.28 -6.31
C THR A 317 -6.99 16.04 -7.52
N VAL A 318 -5.75 15.72 -7.89
CA VAL A 318 -5.09 16.23 -9.10
C VAL A 318 -5.64 15.34 -10.24
N SER A 319 -6.22 15.97 -11.24
CA SER A 319 -7.17 15.30 -12.17
C SER A 319 -6.43 14.22 -12.95
N ASP A 320 -5.22 14.56 -13.40
CA ASP A 320 -4.28 13.66 -14.13
C ASP A 320 -3.18 13.20 -13.17
N GLY A 321 -2.05 12.71 -13.71
CA GLY A 321 -0.91 12.23 -12.90
C GLY A 321 -0.24 13.35 -12.12
N VAL A 322 0.37 13.01 -10.98
CA VAL A 322 1.01 14.01 -10.13
C VAL A 322 2.35 14.33 -10.82
N ASP A 323 2.51 15.57 -11.29
CA ASP A 323 3.76 16.01 -11.90
C ASP A 323 4.35 17.11 -11.00
N LEU A 324 5.45 17.77 -11.42
CA LEU A 324 6.08 18.83 -10.63
C LEU A 324 5.09 19.99 -10.33
N GLY A 325 4.32 20.40 -11.34
CA GLY A 325 3.30 21.43 -11.22
C GLY A 325 2.21 21.09 -10.23
N SER A 326 1.86 19.78 -10.10
CA SER A 326 0.88 19.24 -9.15
C SER A 326 1.37 19.40 -7.74
N LEU A 327 2.70 19.22 -7.51
CA LEU A 327 3.29 19.40 -6.17
C LEU A 327 3.15 20.85 -5.71
N TYR A 328 3.29 21.81 -6.65
CA TYR A 328 3.13 23.22 -6.36
C TYR A 328 1.67 23.56 -6.08
N GLU A 329 0.70 22.92 -6.78
CA GLU A 329 -0.76 23.11 -6.51
C GLU A 329 -1.11 22.59 -5.13
N LEU A 330 -0.55 21.44 -4.73
CA LEU A 330 -0.83 20.87 -3.40
C LEU A 330 -0.17 21.71 -2.30
N SER A 331 1.03 22.28 -2.56
CA SER A 331 1.75 23.18 -1.64
C SER A 331 0.91 24.45 -1.42
N GLU A 332 0.41 25.03 -2.53
CA GLU A 332 -0.49 26.19 -2.54
C GLU A 332 -1.78 25.87 -1.74
N SER A 333 -2.37 24.66 -1.92
CA SER A 333 -3.56 24.24 -1.16
C SER A 333 -3.26 24.19 0.35
N LEU A 334 -2.10 23.64 0.75
CA LEU A 334 -1.62 23.61 2.13
C LEU A 334 -1.43 25.03 2.69
N ALA A 335 -0.78 25.93 1.90
CA ALA A 335 -0.53 27.33 2.30
C ALA A 335 -1.85 28.10 2.62
N GLN A 336 -2.88 27.91 1.79
CA GLN A 336 -4.21 28.54 1.93
C GLN A 336 -4.97 28.11 3.19
N GLN A 337 -4.58 26.95 3.74
CA GLN A 337 -5.15 26.36 4.94
C GLN A 337 -4.38 26.78 6.20
N GLY A 338 -3.37 27.62 6.02
CA GLY A 338 -2.54 28.14 7.11
C GLY A 338 -1.25 27.41 7.38
N VAL A 339 -0.85 26.45 6.52
CA VAL A 339 0.41 25.75 6.74
C VAL A 339 1.56 26.73 6.46
N ARG A 340 2.43 26.94 7.48
CA ARG A 340 3.58 27.86 7.41
C ARG A 340 4.61 27.48 8.48
N PRO B 5 -10.82 -4.51 -29.41
CA PRO B 5 -10.34 -5.18 -28.21
C PRO B 5 -10.57 -6.65 -28.35
N LYS B 6 -10.81 -7.30 -27.23
CA LYS B 6 -11.09 -8.74 -27.12
C LYS B 6 -11.74 -8.98 -25.73
N THR B 7 -12.89 -9.70 -25.66
CA THR B 7 -13.61 -9.87 -24.40
C THR B 7 -13.23 -11.15 -23.65
N LEU B 8 -12.80 -10.98 -22.38
CA LEU B 8 -12.45 -12.07 -21.47
C LEU B 8 -13.74 -12.76 -21.02
N ASP B 9 -13.77 -14.08 -21.18
CA ASP B 9 -14.90 -14.95 -20.84
C ASP B 9 -14.60 -15.77 -19.55
N MET B 10 -14.61 -15.08 -18.38
CA MET B 10 -14.36 -15.71 -17.06
C MET B 10 -15.35 -16.85 -16.76
N GLY B 11 -16.61 -16.68 -17.15
CA GLY B 11 -17.65 -17.69 -16.98
C GLY B 11 -17.28 -19.04 -17.58
N ALA B 12 -16.81 -19.05 -18.85
CA ALA B 12 -16.38 -20.27 -19.55
C ALA B 12 -15.06 -20.89 -18.96
N ILE B 13 -14.17 -20.04 -18.43
CA ILE B 13 -12.91 -20.46 -17.81
C ILE B 13 -13.26 -21.14 -16.48
N LEU B 14 -14.16 -20.53 -15.70
CA LEU B 14 -14.61 -21.09 -14.42
C LEU B 14 -15.37 -22.40 -14.55
N ALA B 15 -16.22 -22.53 -15.57
CA ALA B 15 -17.06 -23.72 -15.78
C ALA B 15 -16.28 -24.93 -16.31
N ASP B 16 -15.12 -24.68 -16.94
CA ASP B 16 -14.26 -25.70 -17.52
C ASP B 16 -13.33 -26.28 -16.44
N THR B 17 -13.59 -27.54 -16.04
CA THR B 17 -12.86 -28.23 -14.96
C THR B 17 -11.39 -28.61 -15.31
N SER B 18 -10.95 -28.34 -16.56
CA SER B 18 -9.57 -28.56 -16.92
C SER B 18 -8.73 -27.41 -16.32
N ASN B 19 -9.41 -26.28 -15.90
CA ASN B 19 -8.83 -25.14 -15.18
C ASN B 19 -8.95 -25.48 -13.69
N ARG B 20 -7.80 -25.78 -13.08
CA ARG B 20 -7.63 -26.28 -11.73
C ARG B 20 -7.17 -25.24 -10.74
N VAL B 21 -6.39 -24.26 -11.21
CA VAL B 21 -5.82 -23.18 -10.37
C VAL B 21 -6.02 -21.85 -11.10
N VAL B 22 -6.59 -20.83 -10.40
CA VAL B 22 -6.84 -19.47 -10.93
C VAL B 22 -6.13 -18.49 -10.00
N VAL B 23 -5.10 -17.80 -10.51
CA VAL B 23 -4.26 -16.89 -9.71
C VAL B 23 -4.60 -15.45 -10.06
N CYS B 24 -5.07 -14.69 -9.07
CA CYS B 24 -5.48 -13.29 -9.20
C CYS B 24 -4.34 -12.38 -8.78
N CYS B 25 -3.72 -11.75 -9.77
CA CYS B 25 -2.52 -10.91 -9.66
C CYS B 25 -2.75 -9.45 -10.00
N GLY B 26 -1.80 -8.63 -9.61
CA GLY B 26 -1.81 -7.19 -9.82
C GLY B 26 -1.27 -6.45 -8.61
N ALA B 27 -1.32 -5.13 -8.67
CA ALA B 27 -0.92 -4.25 -7.58
C ALA B 27 -1.99 -4.36 -6.46
N GLY B 28 -1.69 -3.88 -5.27
CA GLY B 28 -2.64 -3.89 -4.17
C GLY B 28 -3.65 -2.76 -4.32
N GLY B 29 -4.84 -2.93 -3.74
CA GLY B 29 -5.91 -1.94 -3.78
C GLY B 29 -6.71 -1.88 -5.07
N VAL B 30 -6.62 -2.90 -5.94
CA VAL B 30 -7.31 -2.91 -7.24
C VAL B 30 -8.60 -3.76 -7.26
N GLY B 31 -8.77 -4.66 -6.30
CA GLY B 31 -9.87 -5.59 -6.23
C GLY B 31 -9.45 -7.06 -6.40
N LYS B 32 -8.19 -7.41 -6.04
CA LYS B 32 -7.74 -8.81 -6.14
C LYS B 32 -8.51 -9.76 -5.23
N THR B 33 -8.65 -9.43 -3.93
CA THR B 33 -9.33 -10.30 -2.94
C THR B 33 -10.78 -10.54 -3.27
N THR B 34 -11.54 -9.46 -3.52
CA THR B 34 -12.98 -9.51 -3.88
C THR B 34 -13.16 -10.23 -5.22
N THR B 35 -12.28 -10.00 -6.22
CA THR B 35 -12.33 -10.71 -7.52
C THR B 35 -12.11 -12.20 -7.27
N ALA B 36 -11.10 -12.56 -6.48
CA ALA B 36 -10.81 -13.96 -6.13
C ALA B 36 -12.02 -14.63 -5.50
N ALA B 37 -12.66 -13.95 -4.50
CA ALA B 37 -13.83 -14.43 -3.78
C ALA B 37 -15.07 -14.52 -4.69
N ALA B 38 -15.29 -13.51 -5.55
CA ALA B 38 -16.41 -13.48 -6.49
C ALA B 38 -16.27 -14.62 -7.51
N LEU B 39 -15.04 -14.87 -8.01
CA LEU B 39 -14.77 -15.95 -8.98
C LEU B 39 -15.02 -17.32 -8.36
N ALA B 40 -14.52 -17.55 -7.14
CA ALA B 40 -14.68 -18.80 -6.39
C ALA B 40 -16.15 -19.08 -6.08
N LEU B 41 -16.89 -18.05 -5.68
CA LEU B 41 -18.30 -18.22 -5.36
C LEU B 41 -19.09 -18.57 -6.62
N ARG B 42 -18.61 -18.07 -7.76
CA ARG B 42 -19.26 -18.33 -9.04
C ARG B 42 -19.03 -19.77 -9.47
N ALA B 43 -17.79 -20.22 -9.38
CA ALA B 43 -17.45 -21.59 -9.75
C ALA B 43 -18.30 -22.56 -8.95
N ALA B 44 -18.54 -22.22 -7.68
CA ALA B 44 -19.35 -23.06 -6.78
C ALA B 44 -20.80 -23.08 -7.30
N GLU B 45 -21.31 -21.93 -7.78
CA GLU B 45 -22.66 -21.79 -8.36
C GLU B 45 -22.79 -22.58 -9.67
N TYR B 46 -21.66 -22.82 -10.36
CA TYR B 46 -21.56 -23.62 -11.57
C TYR B 46 -21.49 -25.13 -11.25
N GLY B 47 -21.34 -25.51 -9.99
CA GLY B 47 -21.30 -26.92 -9.59
C GLY B 47 -19.96 -27.47 -9.17
N ARG B 48 -18.95 -26.62 -9.19
CA ARG B 48 -17.58 -26.98 -8.83
C ARG B 48 -17.30 -27.01 -7.32
N THR B 49 -16.36 -27.88 -6.87
CA THR B 49 -15.91 -27.97 -5.47
C THR B 49 -14.68 -27.08 -5.40
N VAL B 50 -14.87 -25.86 -4.90
CA VAL B 50 -13.84 -24.80 -4.94
C VAL B 50 -13.34 -24.35 -3.56
N VAL B 51 -12.08 -23.98 -3.49
CA VAL B 51 -11.43 -23.41 -2.30
C VAL B 51 -10.84 -22.06 -2.73
N VAL B 52 -11.14 -20.99 -2.01
CA VAL B 52 -10.57 -19.65 -2.23
C VAL B 52 -9.52 -19.41 -1.14
N LEU B 53 -8.27 -19.19 -1.51
CA LEU B 53 -7.17 -18.87 -0.61
C LEU B 53 -7.07 -17.36 -0.63
N THR B 54 -7.73 -16.70 0.34
CA THR B 54 -7.68 -15.23 0.44
C THR B 54 -6.46 -14.79 1.28
N ILE B 55 -5.97 -13.58 1.03
CA ILE B 55 -4.84 -13.04 1.78
C ILE B 55 -5.35 -12.10 2.85
N ASP B 56 -5.95 -11.00 2.41
CA ASP B 56 -6.40 -9.92 3.28
C ASP B 56 -7.82 -9.44 3.00
N PRO B 57 -8.87 -10.28 3.24
CA PRO B 57 -10.24 -9.77 3.06
C PRO B 57 -10.54 -8.72 4.13
N ALA B 58 -11.33 -7.70 3.80
CA ALA B 58 -11.78 -6.68 4.74
C ALA B 58 -12.66 -7.43 5.76
N LYS B 59 -12.65 -6.98 7.02
CA LYS B 59 -13.36 -7.62 8.14
C LYS B 59 -14.77 -8.16 7.80
N ARG B 60 -15.61 -7.34 7.15
CA ARG B 60 -16.98 -7.70 6.83
C ARG B 60 -17.05 -8.81 5.76
N LEU B 61 -16.13 -8.82 4.78
CA LEU B 61 -16.08 -9.88 3.76
C LEU B 61 -15.64 -11.22 4.40
N ALA B 62 -14.62 -11.15 5.27
CA ALA B 62 -14.07 -12.31 5.98
C ALA B 62 -15.14 -12.96 6.84
N GLN B 63 -16.02 -12.13 7.49
CA GLN B 63 -17.13 -12.59 8.33
C GLN B 63 -18.22 -13.23 7.47
N ALA B 64 -18.55 -12.63 6.31
CA ALA B 64 -19.53 -13.15 5.37
C ALA B 64 -19.13 -14.56 4.83
N LEU B 65 -17.82 -14.83 4.72
CA LEU B 65 -17.25 -16.10 4.27
C LEU B 65 -17.03 -17.08 5.44
N GLY B 66 -17.24 -16.60 6.66
CA GLY B 66 -17.03 -17.33 7.91
C GLY B 66 -15.57 -17.65 8.17
N ILE B 67 -14.63 -16.75 7.76
CA ILE B 67 -13.17 -16.94 7.88
C ILE B 67 -12.48 -15.86 8.73
N ASN B 68 -13.24 -15.22 9.65
CA ASN B 68 -12.73 -14.18 10.56
C ASN B 68 -11.86 -14.77 11.71
N ASP B 69 -11.77 -16.11 11.79
CA ASP B 69 -11.00 -16.82 12.82
C ASP B 69 -9.48 -16.84 12.55
N LEU B 70 -8.72 -17.36 13.54
CA LEU B 70 -7.25 -17.49 13.54
C LEU B 70 -6.73 -18.72 12.77
N GLY B 71 -7.63 -19.51 12.19
CA GLY B 71 -7.29 -20.69 11.41
C GLY B 71 -6.46 -20.42 10.17
N ASN B 72 -5.79 -21.46 9.70
CA ASN B 72 -4.93 -21.35 8.51
C ASN B 72 -5.26 -22.55 7.62
N THR B 73 -6.56 -22.84 7.52
CA THR B 73 -7.07 -24.02 6.85
C THR B 73 -8.46 -23.75 6.26
N PRO B 74 -8.84 -24.38 5.13
CA PRO B 74 -10.15 -24.09 4.54
C PRO B 74 -11.35 -24.55 5.37
N GLN B 75 -12.42 -23.77 5.28
CA GLN B 75 -13.68 -24.03 5.95
C GLN B 75 -14.78 -23.91 4.89
N ARG B 76 -15.92 -24.55 5.14
CA ARG B 76 -17.02 -24.50 4.18
C ARG B 76 -17.87 -23.24 4.31
N VAL B 77 -18.10 -22.55 3.20
CA VAL B 77 -18.91 -21.33 3.21
C VAL B 77 -20.35 -21.84 2.96
N PRO B 78 -21.25 -21.74 3.97
CA PRO B 78 -22.64 -22.22 3.74
C PRO B 78 -23.36 -21.28 2.78
N LEU B 79 -23.92 -21.87 1.71
CA LEU B 79 -24.64 -21.15 0.65
C LEU B 79 -26.06 -21.68 0.56
N ALA B 80 -26.90 -21.05 -0.31
CA ALA B 80 -28.29 -21.46 -0.54
C ALA B 80 -28.36 -22.94 -0.96
N PRO B 81 -29.38 -23.72 -0.54
CA PRO B 81 -29.43 -25.15 -0.92
C PRO B 81 -29.44 -25.43 -2.44
N GLU B 82 -29.94 -24.48 -3.26
CA GLU B 82 -29.97 -24.60 -4.72
C GLU B 82 -28.55 -24.70 -5.31
N VAL B 83 -27.53 -24.07 -4.67
CA VAL B 83 -26.14 -24.08 -5.13
C VAL B 83 -25.63 -25.54 -5.33
N PRO B 84 -25.27 -25.92 -6.57
CA PRO B 84 -24.87 -27.32 -6.82
C PRO B 84 -23.47 -27.70 -6.36
N GLY B 85 -22.55 -26.72 -6.35
CA GLY B 85 -21.18 -26.94 -5.91
C GLY B 85 -20.92 -26.63 -4.46
N GLU B 86 -19.64 -26.45 -4.12
CA GLU B 86 -19.22 -26.14 -2.75
C GLU B 86 -18.19 -25.06 -2.73
N LEU B 87 -18.38 -24.05 -1.88
CA LEU B 87 -17.39 -23.02 -1.69
C LEU B 87 -16.72 -23.24 -0.34
N HIS B 88 -15.38 -23.30 -0.34
CA HIS B 88 -14.54 -23.40 0.85
C HIS B 88 -13.62 -22.19 0.83
N ALA B 89 -13.32 -21.64 1.99
CA ALA B 89 -12.47 -20.43 2.05
C ALA B 89 -11.54 -20.41 3.25
N MET B 90 -10.50 -19.60 3.19
CA MET B 90 -9.57 -19.40 4.29
C MET B 90 -8.87 -18.10 4.07
N MET B 91 -8.27 -17.56 5.14
CA MET B 91 -7.44 -16.37 5.12
C MET B 91 -6.06 -16.86 5.54
N LEU B 92 -5.04 -16.55 4.73
CA LEU B 92 -3.69 -16.97 5.02
C LEU B 92 -3.21 -16.38 6.35
N ASP B 93 -2.60 -17.23 7.18
CA ASP B 93 -1.96 -16.83 8.43
C ASP B 93 -0.49 -17.04 8.10
N MET B 94 0.20 -15.95 7.81
CA MET B 94 1.60 -15.93 7.41
C MET B 94 2.54 -16.62 8.42
N ARG B 95 2.44 -16.23 9.71
CA ARG B 95 3.27 -16.80 10.77
C ARG B 95 3.00 -18.31 10.97
N ARG B 96 1.72 -18.72 11.01
CA ARG B 96 1.34 -20.13 11.18
C ARG B 96 1.81 -21.03 10.02
N THR B 97 1.87 -20.48 8.78
CA THR B 97 2.34 -21.18 7.57
C THR B 97 3.82 -21.40 7.63
N PHE B 98 4.53 -20.43 8.18
CA PHE B 98 5.98 -20.55 8.45
C PHE B 98 6.23 -21.65 9.48
N ASP B 99 5.40 -21.72 10.51
CA ASP B 99 5.48 -22.79 11.52
C ASP B 99 5.30 -24.16 10.88
N GLU B 100 4.27 -24.29 10.02
CA GLU B 100 3.93 -25.53 9.28
C GLU B 100 5.09 -25.95 8.39
N MET B 101 5.73 -24.99 7.71
CA MET B 101 6.89 -25.26 6.84
C MET B 101 8.07 -25.76 7.69
N VAL B 102 8.37 -25.06 8.79
CA VAL B 102 9.45 -25.41 9.72
C VAL B 102 9.24 -26.85 10.22
N MET B 103 8.02 -27.18 10.69
CA MET B 103 7.73 -28.51 11.19
C MET B 103 7.79 -29.59 10.11
N GLN B 104 7.29 -29.31 8.90
CA GLN B 104 7.31 -30.27 7.79
C GLN B 104 8.75 -30.76 7.50
N TYR B 105 9.72 -29.84 7.52
CA TYR B 105 11.09 -30.18 7.19
C TYR B 105 11.99 -30.48 8.41
N SER B 106 11.78 -29.81 9.56
CA SER B 106 12.56 -30.08 10.78
C SER B 106 11.98 -31.20 11.68
N GLY B 107 10.70 -31.50 11.54
CA GLY B 107 10.03 -32.50 12.38
C GLY B 107 9.39 -31.86 13.60
N PRO B 108 8.34 -32.45 14.22
CA PRO B 108 7.69 -31.78 15.37
C PRO B 108 8.57 -31.56 16.61
N GLU B 109 9.59 -32.42 16.85
CA GLU B 109 10.46 -32.24 18.01
C GLU B 109 11.37 -31.02 17.90
N ARG B 110 12.18 -30.96 16.82
CA ARG B 110 13.06 -29.83 16.52
C ARG B 110 12.26 -28.51 16.32
N ALA B 111 11.00 -28.60 15.82
CA ALA B 111 10.12 -27.44 15.62
C ALA B 111 9.76 -26.73 16.92
N GLN B 112 9.73 -27.45 18.06
CA GLN B 112 9.43 -26.87 19.37
C GLN B 112 10.49 -25.83 19.78
N SER B 113 11.76 -26.11 19.44
CA SER B 113 12.90 -25.23 19.70
C SER B 113 12.85 -24.00 18.78
N ILE B 114 12.72 -24.20 17.45
CA ILE B 114 12.65 -23.12 16.44
C ILE B 114 11.50 -22.16 16.73
N LEU B 115 10.30 -22.69 17.01
CA LEU B 115 9.09 -21.89 17.32
C LEU B 115 9.23 -21.03 18.56
N ASP B 116 10.05 -21.47 19.53
CA ASP B 116 10.30 -20.80 20.81
C ASP B 116 11.44 -19.74 20.72
N ASN B 117 12.24 -19.78 19.63
CA ASN B 117 13.38 -18.90 19.37
C ASN B 117 12.91 -17.48 19.09
N GLN B 118 13.39 -16.53 19.91
CA GLN B 118 13.02 -15.11 19.83
C GLN B 118 13.42 -14.44 18.53
N PHE B 119 14.55 -14.88 17.90
CA PHE B 119 14.99 -14.34 16.62
C PHE B 119 14.03 -14.79 15.52
N TYR B 120 13.54 -16.04 15.60
CA TYR B 120 12.57 -16.59 14.65
C TYR B 120 11.26 -15.80 14.74
N GLN B 121 10.76 -15.62 15.97
CA GLN B 121 9.49 -14.96 16.28
C GLN B 121 9.41 -13.51 15.93
N THR B 122 10.52 -12.76 16.08
CA THR B 122 10.54 -11.33 15.85
C THR B 122 11.24 -10.93 14.54
N VAL B 123 12.19 -11.73 14.02
CA VAL B 123 12.87 -11.30 12.79
C VAL B 123 12.59 -12.22 11.60
N ALA B 124 12.99 -13.51 11.65
CA ALA B 124 12.84 -14.46 10.54
C ALA B 124 11.43 -14.50 9.89
N THR B 125 10.37 -14.42 10.70
CA THR B 125 8.99 -14.53 10.23
C THR B 125 8.42 -13.23 9.61
N SER B 126 9.12 -12.09 9.77
CA SER B 126 8.67 -10.82 9.20
C SER B 126 9.62 -10.25 8.10
N LEU B 127 10.50 -11.09 7.52
CA LEU B 127 11.39 -10.61 6.47
C LEU B 127 10.63 -10.32 5.15
N ALA B 128 11.21 -9.42 4.31
CA ALA B 128 10.62 -9.07 3.02
C ALA B 128 10.43 -10.32 2.16
N GLY B 129 9.24 -10.46 1.60
CA GLY B 129 8.86 -11.60 0.75
C GLY B 129 8.21 -12.78 1.47
N THR B 130 8.05 -12.70 2.81
CA THR B 130 7.43 -13.79 3.62
C THR B 130 5.96 -14.04 3.22
N GLN B 131 5.21 -12.95 2.97
CA GLN B 131 3.79 -13.02 2.59
C GLN B 131 3.57 -13.79 1.27
N GLU B 132 4.42 -13.54 0.26
CA GLU B 132 4.39 -14.21 -1.05
C GLU B 132 4.86 -15.69 -0.94
N TYR B 133 5.95 -15.93 -0.20
CA TYR B 133 6.54 -17.24 0.05
C TYR B 133 5.53 -18.15 0.75
N MET B 134 4.86 -17.64 1.82
CA MET B 134 3.86 -18.39 2.59
C MET B 134 2.57 -18.62 1.80
N ALA B 135 2.20 -17.69 0.89
CA ALA B 135 1.02 -17.85 0.01
C ALA B 135 1.29 -19.06 -0.92
N MET B 136 2.50 -19.10 -1.51
CA MET B 136 3.01 -20.17 -2.36
C MET B 136 3.06 -21.50 -1.60
N GLU B 137 3.61 -21.49 -0.37
CA GLU B 137 3.64 -22.67 0.49
C GLU B 137 2.23 -23.24 0.78
N LYS B 138 1.27 -22.35 1.14
CA LYS B 138 -0.11 -22.74 1.40
C LYS B 138 -0.76 -23.31 0.13
N LEU B 139 -0.54 -22.66 -1.03
CA LEU B 139 -1.03 -23.14 -2.32
C LEU B 139 -0.53 -24.58 -2.52
N GLY B 140 0.76 -24.82 -2.24
CA GLY B 140 1.40 -26.14 -2.29
C GLY B 140 0.73 -27.16 -1.39
N GLN B 141 0.37 -26.75 -0.15
CA GLN B 141 -0.32 -27.59 0.84
C GLN B 141 -1.75 -27.96 0.34
N LEU B 142 -2.46 -27.00 -0.30
CA LEU B 142 -3.81 -27.20 -0.84
C LEU B 142 -3.84 -28.19 -1.99
N LEU B 143 -2.85 -28.08 -2.90
CA LEU B 143 -2.66 -28.96 -4.06
C LEU B 143 -2.33 -30.37 -3.63
N SER B 144 -1.41 -30.55 -2.67
CA SER B 144 -1.02 -31.88 -2.18
C SER B 144 -2.19 -32.66 -1.56
N GLN B 145 -3.15 -31.98 -0.92
CA GLN B 145 -4.23 -32.71 -0.28
C GLN B 145 -5.36 -33.15 -1.25
N ASP B 146 -5.41 -32.56 -2.45
CA ASP B 146 -6.41 -32.94 -3.50
C ASP B 146 -7.84 -32.90 -2.95
N ARG B 147 -8.19 -31.85 -2.19
CA ARG B 147 -9.55 -31.74 -1.58
C ARG B 147 -10.47 -30.84 -2.42
N TRP B 148 -10.04 -30.41 -3.61
CA TRP B 148 -10.86 -29.50 -4.43
C TRP B 148 -10.51 -29.55 -5.89
N ASP B 149 -11.52 -29.43 -6.76
CA ASP B 149 -11.30 -29.43 -8.20
C ASP B 149 -10.79 -28.06 -8.69
N LEU B 150 -11.05 -26.98 -7.91
CA LEU B 150 -10.60 -25.63 -8.22
C LEU B 150 -10.05 -24.92 -6.98
N ILE B 151 -8.88 -24.28 -7.14
CA ILE B 151 -8.25 -23.45 -6.12
C ILE B 151 -8.12 -22.05 -6.71
N VAL B 152 -8.75 -21.06 -6.06
CA VAL B 152 -8.65 -19.67 -6.50
C VAL B 152 -7.64 -19.01 -5.54
N VAL B 153 -6.58 -18.44 -6.11
CA VAL B 153 -5.51 -17.86 -5.32
C VAL B 153 -5.50 -16.36 -5.35
N ASP B 154 -5.69 -15.77 -4.19
CA ASP B 154 -5.52 -14.34 -4.02
C ASP B 154 -4.00 -14.12 -3.76
N THR B 155 -3.47 -12.95 -4.10
CA THR B 155 -2.04 -12.69 -3.94
C THR B 155 -1.81 -11.47 -3.05
N PRO B 156 -0.72 -11.43 -2.22
CA PRO B 156 -0.53 -10.29 -1.30
C PRO B 156 -0.45 -8.92 -1.97
N PRO B 157 -0.93 -7.84 -1.30
CA PRO B 157 -0.82 -6.52 -1.90
C PRO B 157 0.65 -6.07 -1.98
N SER B 158 0.95 -5.25 -2.99
CA SER B 158 2.27 -4.65 -3.21
C SER B 158 2.15 -3.56 -4.25
N ARG B 159 3.07 -2.58 -4.22
CA ARG B 159 3.14 -1.54 -5.26
C ARG B 159 3.66 -2.22 -6.53
N ASN B 160 4.41 -3.34 -6.36
CA ASN B 160 5.01 -4.12 -7.45
C ASN B 160 4.32 -5.48 -7.63
N ALA B 161 3.53 -5.61 -8.72
CA ALA B 161 2.79 -6.83 -9.07
C ALA B 161 3.66 -8.09 -9.28
N LEU B 162 4.93 -7.91 -9.66
CA LEU B 162 5.88 -9.00 -9.91
C LEU B 162 6.49 -9.63 -8.65
N ASP B 163 6.32 -8.97 -7.49
CA ASP B 163 6.76 -9.48 -6.18
C ASP B 163 6.16 -10.85 -5.89
N PHE B 164 4.95 -11.14 -6.43
CA PHE B 164 4.35 -12.46 -6.25
C PHE B 164 5.21 -13.57 -6.87
N LEU B 165 5.80 -13.28 -8.03
CA LEU B 165 6.60 -14.23 -8.78
C LEU B 165 8.06 -14.22 -8.40
N ASP B 166 8.58 -13.06 -7.94
CA ASP B 166 9.99 -12.86 -7.61
C ASP B 166 10.38 -12.86 -6.14
N ALA B 167 9.51 -12.35 -5.22
CA ALA B 167 9.85 -12.23 -3.81
C ALA B 167 10.12 -13.56 -3.12
N PRO B 168 9.38 -14.67 -3.38
CA PRO B 168 9.72 -15.93 -2.68
C PRO B 168 11.14 -16.44 -3.00
N LYS B 169 11.55 -16.41 -4.26
CA LYS B 169 12.90 -16.83 -4.70
C LYS B 169 13.98 -15.93 -4.11
N ARG B 170 13.72 -14.61 -4.06
CA ARG B 170 14.58 -13.57 -3.48
C ARG B 170 14.79 -13.82 -1.97
N LEU B 171 13.68 -14.15 -1.25
CA LEU B 171 13.73 -14.45 0.18
C LEU B 171 14.49 -15.75 0.40
N GLY B 172 14.22 -16.73 -0.45
CA GLY B 172 14.87 -18.03 -0.44
C GLY B 172 16.37 -17.93 -0.55
N SER B 173 16.89 -17.11 -1.52
CA SER B 173 18.34 -16.90 -1.73
C SER B 173 18.97 -16.16 -0.55
N PHE B 174 18.23 -15.21 0.07
CA PHE B 174 18.72 -14.50 1.24
C PHE B 174 18.89 -15.50 2.41
N MET B 175 17.90 -16.41 2.60
CA MET B 175 17.91 -17.42 3.66
C MET B 175 19.05 -18.42 3.51
N ASP B 176 19.44 -18.72 2.26
CA ASP B 176 20.54 -19.63 1.92
C ASP B 176 21.89 -18.91 1.85
N SER B 177 21.96 -17.65 2.27
CA SER B 177 23.22 -16.89 2.25
C SER B 177 24.29 -17.60 3.08
N ARG B 178 25.56 -17.59 2.59
CA ARG B 178 26.76 -18.13 3.27
C ARG B 178 26.97 -17.41 4.60
N LEU B 179 26.53 -16.15 4.61
CA LEU B 179 26.68 -15.21 5.73
C LEU B 179 25.96 -15.70 6.99
N TRP B 180 24.89 -16.47 6.89
CA TRP B 180 24.25 -16.87 8.17
C TRP B 180 25.20 -17.74 9.00
N ARG B 181 25.69 -18.83 8.42
CA ARG B 181 26.54 -19.75 9.21
C ARG B 181 27.85 -19.04 9.54
N LEU B 182 28.45 -18.46 8.51
CA LEU B 182 29.77 -17.82 8.66
C LEU B 182 29.69 -16.67 9.66
N LEU B 183 28.63 -15.87 9.68
CA LEU B 183 28.75 -14.71 10.58
C LEU B 183 28.02 -14.92 11.91
N LEU B 184 27.19 -15.95 12.03
CA LEU B 184 26.48 -16.05 13.33
C LEU B 184 26.80 -17.41 13.95
N ALA B 185 26.54 -18.47 13.20
CA ALA B 185 26.85 -19.81 13.70
C ALA B 185 28.33 -20.14 13.59
N ILE B 194 37.83 -16.00 12.54
CA ILE B 194 38.46 -17.10 11.80
C ILE B 194 39.20 -16.60 10.54
N THR B 195 38.45 -16.04 9.57
CA THR B 195 38.98 -15.52 8.29
C THR B 195 39.56 -14.10 8.50
N GLY B 196 39.98 -13.48 7.40
CA GLY B 196 40.47 -12.12 7.37
C GLY B 196 39.29 -11.20 7.19
N VAL B 197 38.49 -11.47 6.14
CA VAL B 197 37.29 -10.69 5.80
C VAL B 197 36.08 -11.10 6.66
N MET B 198 35.81 -12.43 6.77
CA MET B 198 34.71 -12.95 7.58
C MET B 198 34.93 -12.67 9.05
N GLY B 199 36.20 -12.69 9.48
CA GLY B 199 36.62 -12.39 10.85
C GLY B 199 36.38 -10.94 11.22
N LEU B 200 36.74 -10.02 10.30
CA LEU B 200 36.52 -8.57 10.43
C LEU B 200 35.00 -8.28 10.58
N ALA B 201 34.17 -8.93 9.73
CA ALA B 201 32.71 -8.82 9.71
C ALA B 201 32.08 -9.38 10.99
N MET B 202 32.61 -10.52 11.49
CA MET B 202 32.15 -11.17 12.73
C MET B 202 32.44 -10.30 13.93
N LYS B 203 33.64 -9.68 13.97
CA LYS B 203 34.09 -8.78 15.03
C LYS B 203 33.15 -7.58 15.07
N ALA B 204 32.89 -6.95 13.89
CA ALA B 204 32.00 -5.80 13.71
C ALA B 204 30.59 -6.07 14.25
N LEU B 205 30.02 -7.25 13.94
CA LEU B 205 28.69 -7.66 14.42
C LEU B 205 28.64 -7.89 15.93
N SER B 206 29.72 -8.46 16.51
CA SER B 206 29.86 -8.72 17.95
C SER B 206 29.93 -7.40 18.71
N THR B 207 30.67 -6.42 18.17
CA THR B 207 30.88 -5.07 18.70
C THR B 207 29.59 -4.22 18.71
N VAL B 208 28.74 -4.34 17.66
CA VAL B 208 27.54 -3.51 17.48
C VAL B 208 26.25 -4.17 17.98
N LEU B 209 26.03 -5.46 17.67
CA LEU B 209 24.80 -6.16 18.03
C LEU B 209 24.81 -6.74 19.43
N GLY B 210 23.61 -6.88 20.00
CA GLY B 210 23.40 -7.42 21.33
C GLY B 210 23.75 -8.88 21.43
N SER B 211 24.46 -9.27 22.51
CA SER B 211 24.90 -10.65 22.79
C SER B 211 23.74 -11.65 22.77
N GLN B 212 22.60 -11.28 23.39
CA GLN B 212 21.37 -12.08 23.45
C GLN B 212 20.78 -12.31 22.04
N MET B 213 20.72 -11.24 21.22
CA MET B 213 20.22 -11.29 19.86
C MET B 213 21.08 -12.20 18.98
N LEU B 214 22.42 -12.06 19.08
CA LEU B 214 23.39 -12.87 18.35
C LEU B 214 23.33 -14.36 18.75
N ALA B 215 23.04 -14.63 20.03
CA ALA B 215 22.88 -15.98 20.57
C ALA B 215 21.62 -16.62 19.97
N ASP B 216 20.49 -15.88 19.96
CA ASP B 216 19.22 -16.33 19.39
C ASP B 216 19.32 -16.53 17.88
N ALA B 217 20.10 -15.67 17.19
CA ALA B 217 20.30 -15.77 15.73
C ALA B 217 21.11 -17.03 15.36
N ALA B 218 22.25 -17.26 16.08
CA ALA B 218 23.13 -18.44 15.93
C ALA B 218 22.40 -19.72 16.34
N ALA B 219 21.55 -19.63 17.40
CA ALA B 219 20.74 -20.75 17.86
C ALA B 219 19.77 -21.12 16.75
N PHE B 220 19.10 -20.11 16.13
CA PHE B 220 18.18 -20.30 15.01
C PHE B 220 18.82 -21.00 13.83
N VAL B 221 20.05 -20.60 13.45
CA VAL B 221 20.81 -21.24 12.37
C VAL B 221 21.11 -22.72 12.72
N GLN B 222 21.61 -22.98 13.96
CA GLN B 222 21.92 -24.32 14.47
C GLN B 222 20.66 -25.21 14.53
N SER B 223 19.57 -24.67 15.12
CA SER B 223 18.27 -25.30 15.33
C SER B 223 17.60 -25.65 14.02
N LEU B 224 17.42 -24.65 13.13
CA LEU B 224 16.80 -24.87 11.83
C LEU B 224 17.58 -25.93 11.03
N ASP B 225 18.89 -25.71 10.83
CA ASP B 225 19.79 -26.63 10.11
C ASP B 225 19.19 -27.01 8.72
N ALA B 226 19.11 -26.01 7.81
CA ALA B 226 18.57 -26.16 6.45
C ALA B 226 19.44 -27.05 5.56
N GLY B 229 21.40 -24.95 0.12
CA GLY B 229 20.46 -24.14 -0.67
C GLY B 229 18.99 -24.50 -0.51
N GLY B 230 18.61 -24.88 0.72
CA GLY B 230 17.28 -25.33 1.14
C GLY B 230 16.08 -24.44 0.83
N PHE B 231 16.15 -23.15 1.20
CA PHE B 231 15.02 -22.23 1.01
C PHE B 231 14.74 -21.84 -0.44
N ARG B 232 15.80 -21.71 -1.25
CA ARG B 232 15.69 -21.34 -2.66
C ARG B 232 15.12 -22.54 -3.42
N GLU B 233 15.60 -23.75 -3.09
CA GLU B 233 15.15 -25.02 -3.68
C GLU B 233 13.64 -25.22 -3.40
N LYS B 234 13.16 -24.85 -2.18
CA LYS B 234 11.74 -24.94 -1.79
C LYS B 234 10.93 -23.96 -2.65
N ALA B 235 11.36 -22.68 -2.70
CA ALA B 235 10.72 -21.63 -3.50
C ALA B 235 10.68 -22.01 -5.01
N ASP B 236 11.74 -22.70 -5.53
CA ASP B 236 11.83 -23.17 -6.91
C ASP B 236 10.81 -24.27 -7.21
N ARG B 237 10.72 -25.31 -6.36
CA ARG B 237 9.77 -26.42 -6.55
C ARG B 237 8.34 -25.94 -6.50
N THR B 238 8.02 -25.08 -5.52
CA THR B 238 6.67 -24.51 -5.32
C THR B 238 6.27 -23.61 -6.52
N TYR B 239 7.24 -22.84 -7.08
CA TYR B 239 7.01 -21.99 -8.25
C TYR B 239 6.65 -22.87 -9.46
N ALA B 240 7.30 -24.05 -9.60
CA ALA B 240 7.03 -25.01 -10.69
C ALA B 240 5.57 -25.52 -10.70
N LEU B 241 4.85 -25.44 -9.55
CA LEU B 241 3.43 -25.80 -9.43
C LEU B 241 2.58 -24.86 -10.30
N LEU B 242 3.01 -23.59 -10.48
CA LEU B 242 2.34 -22.56 -11.30
C LEU B 242 2.52 -22.86 -12.80
N LYS B 243 3.41 -23.79 -13.12
CA LYS B 243 3.70 -24.19 -14.50
C LYS B 243 2.94 -25.48 -14.88
N ARG B 244 2.19 -26.05 -13.93
CA ARG B 244 1.39 -27.26 -14.17
C ARG B 244 0.23 -26.94 -15.09
N ARG B 245 -0.20 -27.94 -15.91
CA ARG B 245 -1.34 -27.76 -16.80
C ARG B 245 -2.60 -27.55 -15.96
N GLY B 246 -3.44 -26.61 -16.41
CA GLY B 246 -4.69 -26.26 -15.74
C GLY B 246 -4.59 -25.02 -14.89
N THR B 247 -3.48 -24.26 -15.03
CA THR B 247 -3.25 -23.02 -14.29
C THR B 247 -3.61 -21.85 -15.17
N GLN B 248 -4.36 -20.89 -14.61
CA GLN B 248 -4.78 -19.68 -15.30
C GLN B 248 -4.45 -18.48 -14.42
N PHE B 249 -3.84 -17.43 -15.01
CA PHE B 249 -3.55 -16.18 -14.34
C PHE B 249 -4.53 -15.13 -14.80
N VAL B 250 -5.06 -14.40 -13.84
CA VAL B 250 -5.98 -13.30 -14.04
C VAL B 250 -5.28 -12.05 -13.49
N VAL B 251 -5.04 -11.07 -14.36
CA VAL B 251 -4.44 -9.83 -13.92
C VAL B 251 -5.54 -8.83 -13.65
N VAL B 252 -5.51 -8.26 -12.48
CA VAL B 252 -6.52 -7.29 -12.03
C VAL B 252 -5.90 -5.90 -12.00
N SER B 253 -6.63 -4.91 -12.51
CA SER B 253 -6.15 -3.53 -12.46
C SER B 253 -7.28 -2.55 -12.24
N ALA B 254 -7.00 -1.47 -11.52
CA ALA B 254 -7.98 -0.39 -11.36
C ALA B 254 -7.80 0.53 -12.59
N ALA B 255 -8.76 1.44 -12.84
CA ALA B 255 -8.64 2.34 -14.00
C ALA B 255 -7.75 3.54 -13.64
N GLU B 256 -6.52 3.21 -13.22
CA GLU B 256 -5.44 4.09 -12.75
C GLU B 256 -4.15 3.77 -13.53
N PRO B 257 -3.29 4.79 -13.80
CA PRO B 257 -2.05 4.54 -14.57
C PRO B 257 -1.02 3.61 -13.90
N ASP B 258 -0.79 3.76 -12.59
CA ASP B 258 0.17 2.92 -11.86
C ASP B 258 -0.22 1.45 -11.86
N ALA B 259 -1.49 1.17 -11.54
CA ALA B 259 -2.06 -0.17 -11.53
C ALA B 259 -1.98 -0.84 -12.91
N LEU B 260 -2.32 -0.11 -13.99
CA LEU B 260 -2.22 -0.59 -15.38
C LEU B 260 -0.78 -0.89 -15.79
N ARG B 261 0.19 -0.04 -15.39
CA ARG B 261 1.62 -0.21 -15.69
C ARG B 261 2.11 -1.52 -15.01
N GLU B 262 1.68 -1.76 -13.75
CA GLU B 262 1.99 -2.98 -12.99
C GLU B 262 1.40 -4.22 -13.66
N ALA B 263 0.15 -4.11 -14.15
CA ALA B 263 -0.56 -5.16 -14.90
C ALA B 263 0.23 -5.50 -16.18
N SER B 264 0.67 -4.47 -16.95
CA SER B 264 1.47 -4.60 -18.18
C SER B 264 2.80 -5.30 -17.92
N PHE B 265 3.51 -4.93 -16.82
CA PHE B 265 4.75 -5.59 -16.41
C PHE B 265 4.45 -7.07 -16.14
N PHE B 266 3.35 -7.35 -15.47
CA PHE B 266 2.99 -8.75 -15.16
C PHE B 266 2.65 -9.50 -16.44
N VAL B 267 1.90 -8.89 -17.34
CA VAL B 267 1.54 -9.55 -18.60
C VAL B 267 2.82 -9.90 -19.39
N ASP B 268 3.79 -8.99 -19.43
CA ASP B 268 5.07 -9.23 -20.15
C ASP B 268 5.77 -10.45 -19.58
N ARG B 269 5.92 -10.51 -18.27
CA ARG B 269 6.57 -11.65 -17.62
C ARG B 269 5.89 -13.00 -17.95
N LEU B 270 4.54 -13.06 -17.87
CA LEU B 270 3.80 -14.28 -18.20
C LEU B 270 4.07 -14.73 -19.62
N SER B 271 4.20 -13.75 -20.56
CA SER B 271 4.51 -13.97 -21.96
C SER B 271 5.93 -14.54 -22.13
N GLN B 272 6.94 -13.89 -21.50
CA GLN B 272 8.34 -14.33 -21.51
C GLN B 272 8.52 -15.73 -20.95
N GLU B 273 7.76 -16.06 -19.88
CA GLU B 273 7.82 -17.35 -19.21
C GLU B 273 6.88 -18.43 -19.80
N SER B 274 6.12 -18.10 -20.87
CA SER B 274 5.13 -18.97 -21.53
C SER B 274 4.09 -19.53 -20.55
N MET B 275 3.60 -18.65 -19.65
CA MET B 275 2.60 -18.98 -18.64
C MET B 275 1.23 -18.49 -19.12
N PRO B 276 0.18 -19.34 -19.03
CA PRO B 276 -1.13 -18.95 -19.57
C PRO B 276 -1.82 -17.83 -18.82
N LEU B 277 -2.17 -16.77 -19.56
CA LEU B 277 -2.86 -15.61 -19.06
C LEU B 277 -4.28 -15.63 -19.58
N ALA B 278 -5.28 -15.71 -18.67
CA ALA B 278 -6.70 -15.67 -19.02
C ALA B 278 -7.02 -14.30 -19.65
N GLY B 279 -6.68 -13.22 -18.94
CA GLY B 279 -6.87 -11.85 -19.40
C GLY B 279 -6.82 -10.82 -18.28
N LEU B 280 -7.26 -9.59 -18.60
CA LEU B 280 -7.29 -8.46 -17.66
C LEU B 280 -8.70 -8.11 -17.15
N VAL B 281 -8.81 -7.90 -15.83
CA VAL B 281 -10.01 -7.42 -15.14
C VAL B 281 -9.71 -5.94 -14.89
N PHE B 282 -10.37 -5.07 -15.66
CA PHE B 282 -10.23 -3.62 -15.58
C PHE B 282 -11.36 -3.18 -14.65
N ASN B 283 -11.04 -3.14 -13.37
CA ASN B 283 -11.97 -2.87 -12.29
C ASN B 283 -12.19 -1.39 -11.96
N ARG B 284 -13.38 -1.06 -11.40
CA ARG B 284 -13.82 0.26 -10.93
C ARG B 284 -14.06 1.24 -12.06
N THR B 285 -14.71 0.81 -13.14
CA THR B 285 -14.98 1.71 -14.26
C THR B 285 -16.24 2.57 -14.02
N HIS B 286 -16.43 3.62 -14.85
CA HIS B 286 -17.57 4.51 -14.74
C HIS B 286 -18.28 4.60 -16.11
N PRO B 287 -18.96 3.51 -16.55
CA PRO B 287 -19.65 3.57 -17.86
C PRO B 287 -20.73 4.63 -17.87
N MET B 288 -20.85 5.36 -19.00
CA MET B 288 -21.84 6.42 -19.15
C MET B 288 -23.24 5.86 -19.33
N LEU B 289 -24.16 6.29 -18.46
CA LEU B 289 -25.56 5.84 -18.47
C LEU B 289 -26.45 6.82 -19.26
N CYS B 290 -25.89 8.02 -19.56
CA CYS B 290 -26.50 9.12 -20.30
C CYS B 290 -25.56 9.51 -21.46
N ALA B 291 -26.11 9.55 -22.70
CA ALA B 291 -25.34 9.83 -23.93
C ALA B 291 -24.99 11.31 -24.18
N LEU B 292 -25.57 12.26 -23.40
CA LEU B 292 -25.33 13.70 -23.51
C LEU B 292 -23.82 14.04 -23.51
N PRO B 293 -23.30 14.78 -24.52
CA PRO B 293 -21.86 15.08 -24.53
C PRO B 293 -21.41 15.98 -23.38
N ILE B 294 -20.10 15.92 -23.06
CA ILE B 294 -19.49 16.66 -21.95
C ILE B 294 -19.55 18.18 -22.19
N GLU B 295 -19.17 18.65 -23.40
CA GLU B 295 -19.18 20.07 -23.79
C GLU B 295 -20.58 20.69 -23.58
N ARG B 296 -21.63 19.97 -24.03
CA ARG B 296 -23.03 20.35 -23.91
C ARG B 296 -23.50 20.40 -22.45
N ALA B 297 -23.05 19.43 -21.62
CA ALA B 297 -23.41 19.34 -20.20
C ALA B 297 -22.85 20.51 -19.37
N ILE B 298 -21.59 20.90 -19.62
CA ILE B 298 -20.94 22.03 -18.92
C ILE B 298 -21.66 23.33 -19.31
N ASP B 299 -21.90 23.55 -20.62
CA ASP B 299 -22.59 24.72 -21.16
C ASP B 299 -24.03 24.84 -20.64
N ALA B 300 -24.76 23.70 -20.53
CA ALA B 300 -26.12 23.66 -20.01
C ALA B 300 -26.14 24.05 -18.53
N ALA B 301 -25.09 23.63 -17.77
CA ALA B 301 -24.92 23.95 -16.35
C ALA B 301 -24.50 25.41 -16.16
N GLU B 302 -23.67 25.94 -17.10
CA GLU B 302 -23.17 27.32 -17.09
C GLU B 302 -24.26 28.36 -17.37
N THR B 303 -25.27 28.01 -18.22
CA THR B 303 -26.40 28.90 -18.53
C THR B 303 -27.29 29.01 -17.29
N LEU B 304 -27.43 27.90 -16.53
CA LEU B 304 -28.21 27.84 -15.30
C LEU B 304 -27.54 28.61 -14.15
N ASP B 305 -26.19 28.70 -14.17
CA ASP B 305 -25.39 29.43 -13.18
C ASP B 305 -25.64 30.93 -13.24
N ALA B 306 -25.75 31.49 -14.47
CA ALA B 306 -26.00 32.91 -14.71
C ALA B 306 -27.44 33.31 -14.35
N GLU B 307 -28.41 32.41 -14.64
CA GLU B 307 -29.84 32.63 -14.37
C GLU B 307 -30.15 32.57 -12.87
N THR B 314 -32.90 27.07 -9.71
CA THR B 314 -32.96 25.69 -9.21
C THR B 314 -31.55 25.03 -9.33
N SER B 315 -30.81 25.02 -8.21
CA SER B 315 -29.46 24.50 -8.09
C SER B 315 -29.33 22.98 -8.33
N LEU B 316 -30.45 22.23 -8.27
CA LEU B 316 -30.50 20.78 -8.49
C LEU B 316 -30.09 20.38 -9.91
N ALA B 317 -30.74 20.97 -10.93
CA ALA B 317 -30.49 20.69 -12.35
C ALA B 317 -29.03 20.90 -12.77
N ALA B 318 -28.43 22.05 -12.39
CA ALA B 318 -27.04 22.36 -12.73
C ALA B 318 -26.03 21.42 -12.07
N ALA B 319 -26.30 21.01 -10.80
CA ALA B 319 -25.44 20.09 -10.06
C ALA B 319 -25.46 18.71 -10.71
N VAL B 320 -26.67 18.26 -11.16
CA VAL B 320 -26.93 17.00 -11.86
C VAL B 320 -26.12 16.93 -13.17
N LEU B 321 -26.00 18.09 -13.86
CA LEU B 321 -25.23 18.26 -15.09
C LEU B 321 -23.73 18.20 -14.79
N ARG B 322 -23.34 18.75 -13.63
CA ARG B 322 -21.94 18.76 -13.16
C ARG B 322 -21.47 17.36 -12.73
N ILE B 323 -22.38 16.49 -12.26
CA ILE B 323 -22.08 15.10 -11.88
C ILE B 323 -21.73 14.33 -13.16
N HIS B 324 -22.64 14.41 -14.16
CA HIS B 324 -22.57 13.75 -15.47
C HIS B 324 -21.31 14.14 -16.24
N ALA B 325 -21.00 15.44 -16.31
CA ALA B 325 -19.83 15.97 -17.01
C ALA B 325 -18.55 15.45 -16.37
N GLU B 326 -18.53 15.42 -15.01
CA GLU B 326 -17.41 14.92 -14.20
C GLU B 326 -17.27 13.42 -14.42
N ARG B 327 -18.36 12.69 -14.45
CA ARG B 327 -18.29 11.25 -14.76
C ARG B 327 -17.78 11.04 -16.18
N GLY B 328 -18.26 11.81 -17.16
CA GLY B 328 -17.84 11.74 -18.54
C GLY B 328 -16.35 11.97 -18.72
N GLN B 329 -15.77 12.92 -17.96
CA GLN B 329 -14.34 13.21 -17.96
C GLN B 329 -13.57 12.02 -17.39
N THR B 330 -14.11 11.40 -16.33
CA THR B 330 -13.56 10.21 -15.67
C THR B 330 -13.58 9.04 -16.66
N ALA B 331 -14.72 8.84 -17.36
CA ALA B 331 -14.92 7.80 -18.38
C ALA B 331 -13.94 7.98 -19.56
N LYS B 332 -13.64 9.24 -19.95
CA LYS B 332 -12.68 9.56 -21.01
C LYS B 332 -11.26 9.13 -20.64
N ARG B 333 -10.84 9.40 -19.39
CA ARG B 333 -9.52 9.01 -18.85
C ARG B 333 -9.38 7.48 -18.85
N GLU B 334 -10.45 6.75 -18.46
CA GLU B 334 -10.48 5.29 -18.36
C GLU B 334 -10.32 4.63 -19.73
N ILE B 335 -11.05 5.14 -20.74
CA ILE B 335 -11.01 4.69 -22.13
C ILE B 335 -9.61 4.87 -22.75
N ARG B 336 -8.97 6.06 -22.57
CA ARG B 336 -7.64 6.29 -23.11
C ARG B 336 -6.56 5.47 -22.39
N LEU B 337 -6.73 5.18 -21.08
CA LEU B 337 -5.80 4.34 -20.31
C LEU B 337 -5.87 2.91 -20.85
N LEU B 338 -7.09 2.37 -20.98
CA LEU B 338 -7.34 1.03 -21.50
C LEU B 338 -6.83 0.88 -22.94
N SER B 339 -7.11 1.87 -23.83
CA SER B 339 -6.64 1.86 -25.22
C SER B 339 -5.10 1.82 -25.32
N ARG B 340 -4.40 2.37 -24.29
CA ARG B 340 -2.94 2.33 -24.22
C ARG B 340 -2.46 0.91 -23.90
N PHE B 341 -3.13 0.20 -22.95
CA PHE B 341 -2.84 -1.19 -22.58
C PHE B 341 -3.16 -2.14 -23.75
N THR B 342 -4.34 -1.96 -24.37
CA THR B 342 -4.86 -2.75 -25.48
C THR B 342 -4.00 -2.59 -26.76
N GLY B 343 -3.48 -1.39 -27.00
CA GLY B 343 -2.60 -1.11 -28.13
C GLY B 343 -1.29 -1.88 -28.01
N ALA B 344 -0.71 -1.86 -26.80
CA ALA B 344 0.53 -2.56 -26.46
C ALA B 344 0.32 -4.08 -26.31
N ASN B 345 -0.89 -4.51 -25.88
CA ASN B 345 -1.22 -5.91 -25.65
C ASN B 345 -2.52 -6.27 -26.40
N PRO B 346 -2.52 -6.30 -27.77
CA PRO B 346 -3.77 -6.57 -28.50
C PRO B 346 -4.31 -7.99 -28.42
N THR B 347 -3.47 -8.89 -27.92
CA THR B 347 -3.75 -10.32 -27.80
C THR B 347 -4.43 -10.66 -26.45
N VAL B 348 -4.42 -9.70 -25.51
CA VAL B 348 -4.94 -9.88 -24.16
C VAL B 348 -6.45 -9.60 -24.05
N PRO B 349 -7.19 -10.65 -23.72
CA PRO B 349 -8.64 -10.57 -23.51
C PRO B 349 -8.93 -9.62 -22.34
N VAL B 350 -9.99 -8.82 -22.38
CA VAL B 350 -10.26 -7.87 -21.28
C VAL B 350 -11.73 -7.86 -20.87
N VAL B 351 -12.00 -7.63 -19.58
CA VAL B 351 -13.35 -7.47 -19.02
C VAL B 351 -13.36 -6.21 -18.17
N GLY B 352 -14.27 -5.30 -18.46
CA GLY B 352 -14.46 -4.05 -17.72
C GLY B 352 -15.46 -4.27 -16.61
N VAL B 353 -15.07 -3.97 -15.36
CA VAL B 353 -15.95 -4.14 -14.20
C VAL B 353 -16.31 -2.76 -13.64
N PRO B 354 -17.60 -2.36 -13.72
CA PRO B 354 -18.00 -1.05 -13.17
C PRO B 354 -17.89 -0.97 -11.64
N SER B 355 -17.70 0.26 -11.15
CA SER B 355 -17.66 0.55 -9.72
C SER B 355 -19.10 0.36 -9.25
N LEU B 356 -19.32 -0.60 -8.33
CA LEU B 356 -20.65 -0.94 -7.81
C LEU B 356 -21.06 0.04 -6.72
N PRO B 357 -22.35 0.47 -6.67
CA PRO B 357 -22.76 1.48 -5.67
C PRO B 357 -23.01 0.95 -4.26
N PHE B 358 -22.10 0.11 -3.77
CA PHE B 358 -22.14 -0.51 -2.43
C PHE B 358 -20.79 -1.17 -2.20
N ASP B 359 -20.49 -1.49 -0.93
CA ASP B 359 -19.23 -2.15 -0.60
C ASP B 359 -19.29 -3.66 -0.93
N VAL B 360 -18.20 -4.23 -1.45
CA VAL B 360 -18.19 -5.66 -1.77
C VAL B 360 -17.74 -6.45 -0.52
N SER B 361 -18.65 -6.52 0.47
CA SER B 361 -18.36 -7.11 1.76
C SER B 361 -19.39 -8.14 2.29
N ASP B 362 -20.25 -8.68 1.41
CA ASP B 362 -21.23 -9.72 1.75
C ASP B 362 -21.43 -10.65 0.54
N LEU B 363 -22.05 -11.83 0.75
CA LEU B 363 -22.25 -12.83 -0.32
C LEU B 363 -23.08 -12.32 -1.48
N GLU B 364 -24.07 -11.44 -1.19
CA GLU B 364 -24.94 -10.79 -2.18
C GLU B 364 -24.17 -9.78 -3.03
N ALA B 365 -23.18 -9.08 -2.44
CA ALA B 365 -22.34 -8.12 -3.18
C ALA B 365 -21.34 -8.88 -4.05
N LEU B 366 -20.83 -10.05 -3.57
CA LEU B 366 -19.95 -10.93 -4.33
C LEU B 366 -20.68 -11.49 -5.53
N ARG B 367 -21.98 -11.82 -5.37
CA ARG B 367 -22.82 -12.31 -6.45
C ARG B 367 -22.94 -11.24 -7.53
N ALA B 368 -23.23 -9.98 -7.13
CA ALA B 368 -23.34 -8.86 -8.08
C ALA B 368 -22.01 -8.59 -8.80
N LEU B 369 -20.87 -8.74 -8.11
CA LEU B 369 -19.54 -8.59 -8.70
C LEU B 369 -19.27 -9.72 -9.71
N ALA B 370 -19.56 -10.98 -9.33
CA ALA B 370 -19.44 -12.16 -10.21
C ALA B 370 -20.30 -11.99 -11.49
N ASP B 371 -21.48 -11.32 -11.39
CA ASP B 371 -22.34 -11.04 -12.56
C ASP B 371 -21.60 -10.13 -13.53
N GLN B 372 -20.85 -9.13 -13.00
CA GLN B 372 -20.08 -8.18 -13.84
C GLN B 372 -18.87 -8.87 -14.48
N LEU B 373 -18.18 -9.72 -13.72
CA LEU B 373 -17.01 -10.49 -14.14
C LEU B 373 -17.31 -11.54 -15.21
N THR B 374 -18.51 -12.12 -15.18
CA THR B 374 -18.91 -13.20 -16.10
C THR B 374 -19.98 -12.74 -17.12
N THR B 375 -19.84 -11.51 -17.68
CA THR B 375 -20.69 -10.96 -18.75
C THR B 375 -19.86 -10.23 -19.81
PB ADP C . 2.40 6.78 -0.41
O1B ADP C . 3.85 7.33 -0.34
O2B ADP C . 2.45 5.30 -0.87
O3B ADP C . 1.61 6.96 0.85
PA ADP C . 2.11 8.34 -2.91
O1A ADP C . 3.16 7.53 -3.69
O2A ADP C . 2.59 9.71 -2.60
O3A ADP C . 1.70 7.55 -1.60
O5' ADP C . 0.70 8.31 -3.63
C5' ADP C . 0.02 7.14 -4.15
C4' ADP C . -0.45 7.46 -5.55
O4' ADP C . -1.45 8.49 -5.49
C3' ADP C . 0.61 7.97 -6.53
O3' ADP C . 0.36 7.45 -7.83
C2' ADP C . 0.43 9.49 -6.46
O2' ADP C . 0.91 10.18 -7.62
C1' ADP C . -1.08 9.60 -6.27
N9 ADP C . -1.53 10.82 -5.59
C8 ADP C . -1.14 11.28 -4.36
N7 ADP C . -1.78 12.36 -3.97
C5 ADP C . -2.64 12.64 -5.03
C6 ADP C . -3.61 13.64 -5.22
N6 ADP C . -3.85 14.62 -4.35
N1 ADP C . -4.33 13.61 -6.37
C2 ADP C . -4.08 12.63 -7.26
N3 ADP C . -3.18 11.65 -7.18
C4 ADP C . -2.49 11.70 -6.04
MG MG D . 5.89 6.53 -0.82
PB ADP E . -7.11 -5.71 -3.15
O1B ADP E . -6.68 -5.54 -4.58
O2B ADP E . -6.99 -7.12 -2.66
O3B ADP E . -6.33 -4.78 -2.29
PA ADP E . -9.97 -5.60 -2.44
O1A ADP E . -10.52 -6.79 -3.19
O2A ADP E . -9.72 -5.89 -1.01
O3A ADP E . -8.59 -5.16 -3.12
O5' ADP E . -10.83 -4.35 -2.81
C5' ADP E . -10.53 -3.02 -2.33
C4' ADP E . -11.83 -2.32 -2.03
O4' ADP E . -12.53 -2.08 -3.27
C3' ADP E . -12.80 -3.09 -1.13
O3' ADP E . -13.31 -2.31 -0.06
C2' ADP E . -13.85 -3.63 -2.11
O2' ADP E . -15.12 -3.77 -1.50
C1' ADP E . -13.86 -2.55 -3.18
N9 ADP E . -14.28 -3.02 -4.50
C8 ADP E . -13.62 -3.92 -5.29
N7 ADP E . -14.13 -4.06 -6.49
C5 ADP E . -15.21 -3.19 -6.49
C6 ADP E . -16.16 -2.85 -7.48
N6 ADP E . -16.11 -3.32 -8.74
N1 ADP E . -17.13 -1.97 -7.15
C2 ADP E . -17.14 -1.47 -5.91
N3 ADP E . -16.30 -1.71 -4.90
C4 ADP E . -15.33 -2.57 -5.26
N1 IMD F . -20.66 -30.13 -13.07
C2 IMD F . -20.18 -28.90 -13.15
N3 IMD F . -18.86 -28.95 -13.11
C4 IMD F . -18.49 -30.26 -13.02
C5 IMD F . -19.60 -30.99 -12.99
HN1 IMD F . -21.63 -30.39 -13.08
H2 IMD F . -20.79 -28.00 -13.26
HN3 IMD F . -18.24 -28.16 -13.14
H4 IMD F . -17.45 -30.58 -13.00
H5 IMD F . -19.72 -32.07 -12.91
CA CA G . -21.65 -31.20 -9.66
CA CA H . 9.71 -16.65 -6.49
MG MG I . -6.27 -8.13 -1.12
#